data_4BTL
#
_entry.id   4BTL
#
_cell.length_a   78.671
_cell.length_b   110.824
_cell.length_c   227.112
_cell.angle_alpha   90.00
_cell.angle_beta   90.00
_cell.angle_gamma   90.00
#
_symmetry.space_group_name_H-M   'P 21 21 21'
#
loop_
_entity.id
_entity.type
_entity.pdbx_description
1 polymer ACETYLCHOLINESTERASE
2 non-polymer 4-(2-chloro-6-nitrophenoxy)-N-[2-(diethylamino)ethyl]benzenesulfonamide
3 non-polymer 2-acetamido-2-deoxy-beta-D-glucopyranose
4 non-polymer 3,6,9,12,15,18,21,24,27,30,33,36,39-TRIDECAOXAHENTETRACONTANE-1,41-DIOL
5 non-polymer 1,2-ETHANEDIOL
6 water water
#
_entity_poly.entity_id   1
_entity_poly.type   'polypeptide(L)'
_entity_poly.pdbx_seq_one_letter_code
;EGREDPQLLVRVRGGQLRGIRLKAPGGPVSAFLGIPFAEPPVGSRRFMPPEPKRPWSGVLDATTFQNVCYQYVDTLYPGF
EGTEMWNPNRELSEDCLYLNVWTPYPRPASPTPVLIWIYGGGFYSGAASLDVYDGRFLAQVEGAVLVSMNYRVGTFGFLA
LPGSREAPGNVGLLDQRLALQWVQENIAAFGGDPMSVTLFGESAGAASVGMHILSLPSRSLFHRAVLQSGTPNGPWATVS
AGEARRRATLLARLVGCPPGGAGGNDTELIACLRTRPAQDLVDHEWHVLPQESIFRFSFVPVVDGDFLSDTPEALINTGD
FQDLQVLVGVVKDEGSYFLVYGVPGFSKDNESLISRAQFLAGVRIGVPQASDLAAEAVVLHYTDWLHPEDPTHLRDAMSA
VVGDHNVVCPVAQLAGRLAAQGARVYAYIFEHRASTLTWPLWMGVPHGYEIEFIFGLPLDPSLNYTTEERIFAQRLMKYW
TNFARTGDPNDPRDSKSPQWPPYTTAAQQYVSLNLKPLEVRRGLRAQTCAFWNRFLPKLLSAT
;
_entity_poly.pdbx_strand_id   A,B
#
# COMPACT_ATOMS: atom_id res chain seq x y z
N GLU A 1 41.17 11.71 55.66
CA GLU A 1 41.32 11.95 54.22
C GLU A 1 42.76 12.34 53.94
N GLY A 2 43.00 13.64 53.79
CA GLY A 2 44.35 14.17 53.80
C GLY A 2 45.04 14.41 52.47
N ARG A 3 45.35 13.33 51.78
CA ARG A 3 46.24 13.40 50.61
C ARG A 3 45.58 13.18 49.26
N GLU A 4 44.25 13.04 49.22
CA GLU A 4 43.58 12.77 47.94
C GLU A 4 43.16 14.05 47.24
N ASP A 5 42.66 13.90 46.02
CA ASP A 5 42.11 15.03 45.28
C ASP A 5 40.83 15.47 45.98
N PRO A 6 40.79 16.73 46.45
CA PRO A 6 39.59 17.25 47.12
C PRO A 6 38.45 17.52 46.15
N GLN A 7 38.69 17.40 44.85
CA GLN A 7 37.58 17.59 43.91
C GLN A 7 36.81 16.28 43.67
N LEU A 8 37.29 15.19 44.25
CA LEU A 8 36.70 13.88 44.06
C LEU A 8 35.94 13.37 45.29
N LEU A 9 35.86 14.18 46.34
CA LEU A 9 35.14 13.79 47.54
C LEU A 9 33.81 14.51 47.64
N VAL A 10 32.75 13.73 47.82
CA VAL A 10 31.37 14.19 47.72
C VAL A 10 30.49 13.39 48.68
N ARG A 11 29.52 14.05 49.31
CA ARG A 11 28.57 13.33 50.17
C ARG A 11 27.17 13.30 49.55
N VAL A 12 26.55 12.13 49.58
CA VAL A 12 25.16 11.96 49.16
C VAL A 12 24.39 11.41 50.36
N ARG A 13 23.06 11.38 50.27
CA ARG A 13 22.20 10.94 51.37
C ARG A 13 22.64 9.64 52.04
N GLY A 14 23.25 8.75 51.26
CA GLY A 14 23.69 7.48 51.78
C GLY A 14 25.06 7.47 52.43
N GLY A 15 25.83 8.53 52.20
CA GLY A 15 27.15 8.62 52.80
C GLY A 15 28.17 9.30 51.91
N GLN A 16 29.45 9.12 52.23
CA GLN A 16 30.51 9.79 51.49
C GLN A 16 30.97 8.97 50.31
N LEU A 17 31.43 9.65 49.27
CA LEU A 17 31.89 8.98 48.07
C LEU A 17 33.22 9.52 47.62
N ARG A 18 34.09 8.63 47.16
CA ARG A 18 35.31 9.03 46.47
C ARG A 18 35.25 8.63 44.99
N GLY A 19 35.28 9.62 44.11
CA GLY A 19 35.23 9.38 42.68
C GLY A 19 36.60 9.39 42.03
N ILE A 20 36.62 9.48 40.71
CA ILE A 20 37.88 9.40 39.98
C ILE A 20 38.00 10.46 38.88
N ARG A 21 39.22 10.92 38.67
CA ARG A 21 39.52 11.93 37.67
C ARG A 21 39.81 11.21 36.36
N LEU A 22 38.85 11.20 35.45
CA LEU A 22 39.08 10.52 34.17
C LEU A 22 39.62 11.48 33.14
N LYS A 23 40.47 10.95 32.26
CA LYS A 23 40.95 11.71 31.13
C LYS A 23 39.96 11.60 29.96
N ALA A 24 39.65 12.73 29.35
CA ALA A 24 38.89 12.78 28.11
C ALA A 24 39.75 13.61 27.16
N PRO A 25 39.54 13.44 25.85
CA PRO A 25 40.42 14.11 24.88
C PRO A 25 40.61 15.61 25.13
N GLY A 26 39.59 16.28 25.63
CA GLY A 26 39.66 17.72 25.80
C GLY A 26 40.05 18.21 27.19
N GLY A 27 40.10 17.30 28.16
CA GLY A 27 40.44 17.64 29.53
C GLY A 27 39.87 16.62 30.50
N PRO A 28 40.07 16.84 31.81
CA PRO A 28 39.57 15.89 32.82
C PRO A 28 38.05 15.96 33.08
N VAL A 29 37.50 14.85 33.57
CA VAL A 29 36.12 14.82 34.04
C VAL A 29 36.11 14.06 35.36
N SER A 30 35.11 14.33 36.18
CA SER A 30 34.90 13.55 37.40
C SER A 30 33.91 12.41 37.16
N ALA A 31 34.29 11.20 37.54
CA ALA A 31 33.38 10.08 37.49
C ALA A 31 33.14 9.49 38.88
N PHE A 32 31.86 9.27 39.17
CA PHE A 32 31.44 8.58 40.38
C PHE A 32 30.71 7.31 39.96
N LEU A 33 31.44 6.20 40.00
CA LEU A 33 30.99 4.95 39.42
C LEU A 33 30.65 3.94 40.50
N GLY A 34 29.56 3.20 40.31
CA GLY A 34 29.16 2.20 41.29
C GLY A 34 28.51 2.69 42.58
N ILE A 35 27.89 3.87 42.54
CA ILE A 35 27.07 4.33 43.67
C ILE A 35 25.82 3.46 43.85
N PRO A 36 25.69 2.80 45.00
CA PRO A 36 24.47 2.01 45.21
C PRO A 36 23.28 2.91 45.48
N PHE A 37 22.12 2.61 44.90
CA PHE A 37 20.95 3.45 45.10
C PHE A 37 19.78 2.68 45.71
N ALA A 38 19.96 1.36 45.85
CA ALA A 38 18.95 0.49 46.44
C ALA A 38 19.62 -0.65 47.23
N GLU A 39 18.89 -1.22 48.19
CA GLU A 39 19.36 -2.43 48.85
C GLU A 39 19.43 -3.54 47.81
N PRO A 40 20.49 -4.37 47.87
CA PRO A 40 20.67 -5.44 46.89
C PRO A 40 19.46 -6.36 46.85
N PRO A 41 18.79 -6.43 45.69
CA PRO A 41 17.52 -7.16 45.55
C PRO A 41 17.75 -8.66 45.46
N VAL A 42 18.33 -9.24 46.50
CA VAL A 42 18.73 -10.64 46.47
C VAL A 42 18.00 -11.46 47.53
N GLY A 43 18.08 -12.79 47.42
CA GLY A 43 17.38 -13.66 48.35
C GLY A 43 15.88 -13.45 48.30
N SER A 44 15.28 -13.25 49.47
CA SER A 44 13.84 -13.04 49.60
C SER A 44 13.38 -11.72 48.99
N ARG A 45 14.31 -10.95 48.46
CA ARG A 45 13.97 -9.72 47.76
C ARG A 45 13.90 -9.87 46.23
N ARG A 46 14.32 -11.02 45.70
CA ARG A 46 14.17 -11.31 44.27
C ARG A 46 12.70 -11.11 43.90
N PHE A 47 12.47 -10.51 42.73
CA PHE A 47 11.13 -10.16 42.21
C PHE A 47 10.40 -9.04 42.97
N MET A 48 10.99 -8.55 44.06
CA MET A 48 10.35 -7.48 44.84
C MET A 48 10.75 -6.09 44.34
N PRO A 49 9.88 -5.09 44.59
CA PRO A 49 10.21 -3.67 44.38
C PRO A 49 11.49 -3.33 45.12
N PRO A 50 12.30 -2.42 44.58
CA PRO A 50 13.54 -2.06 45.27
C PRO A 50 13.23 -1.29 46.54
N GLU A 51 14.01 -1.57 47.59
CA GLU A 51 14.03 -0.72 48.77
C GLU A 51 15.27 0.15 48.72
N PRO A 52 15.12 1.44 49.04
CA PRO A 52 16.18 2.44 49.09
C PRO A 52 17.41 1.97 49.88
N LYS A 53 18.60 2.27 49.35
CA LYS A 53 19.86 1.90 49.99
C LYS A 53 19.98 2.47 51.39
N ARG A 54 20.39 1.62 52.33
CA ARG A 54 20.64 2.06 53.70
C ARG A 54 22.02 2.69 53.80
N PRO A 55 22.12 3.85 54.49
CA PRO A 55 23.37 4.61 54.67
C PRO A 55 24.55 3.72 55.01
N TRP A 56 25.72 4.07 54.49
CA TRP A 56 26.94 3.35 54.84
C TRP A 56 27.87 4.19 55.70
N SER A 57 28.83 3.53 56.32
CA SER A 57 29.85 4.25 57.07
C SER A 57 31.13 4.35 56.23
N GLY A 58 31.92 5.38 56.50
CA GLY A 58 33.13 5.60 55.77
C GLY A 58 32.95 6.15 54.36
N VAL A 59 34.04 6.15 53.61
CA VAL A 59 34.02 6.69 52.26
C VAL A 59 33.97 5.53 51.31
N LEU A 60 32.81 5.38 50.67
CA LEU A 60 32.61 4.40 49.60
C LEU A 60 33.51 4.69 48.41
N ASP A 61 34.30 3.70 48.01
CA ASP A 61 35.06 3.86 46.78
C ASP A 61 34.10 3.76 45.59
N ALA A 62 34.13 4.78 44.75
CA ALA A 62 33.27 4.88 43.58
C ALA A 62 34.13 5.15 42.37
N THR A 63 35.18 4.35 42.21
CA THR A 63 36.13 4.54 41.11
C THR A 63 35.96 3.48 40.02
N THR A 64 35.24 2.41 40.31
CA THR A 64 35.04 1.36 39.31
C THR A 64 33.57 1.06 39.06
N PHE A 65 33.30 0.47 37.90
CA PHE A 65 31.94 0.05 37.58
C PHE A 65 31.55 -1.14 38.44
N GLN A 66 30.28 -1.19 38.82
CA GLN A 66 29.77 -2.29 39.62
C GLN A 66 29.20 -3.44 38.77
N ASN A 67 28.76 -4.48 39.47
CA ASN A 67 28.18 -5.67 38.86
C ASN A 67 27.09 -5.39 37.85
N VAL A 68 27.04 -6.24 36.83
CA VAL A 68 26.01 -6.17 35.82
C VAL A 68 24.84 -7.07 36.23
N CYS A 69 23.63 -6.53 36.10
CA CYS A 69 22.43 -7.26 36.49
C CYS A 69 22.36 -8.61 35.77
N TYR A 70 22.00 -9.65 36.51
CA TYR A 70 22.06 -10.99 35.99
C TYR A 70 21.25 -11.12 34.69
N GLN A 71 21.88 -11.68 33.66
CA GLN A 71 21.29 -11.66 32.33
C GLN A 71 21.86 -12.68 31.35
N TYR A 72 21.06 -12.93 30.30
CA TYR A 72 21.43 -13.81 29.21
C TYR A 72 22.59 -13.20 28.44
N VAL A 73 23.59 -14.03 28.13
CA VAL A 73 24.73 -13.55 27.35
C VAL A 73 24.76 -14.12 25.91
N ASP A 74 24.90 -13.23 24.94
CA ASP A 74 24.82 -13.59 23.53
C ASP A 74 25.94 -14.50 23.03
N THR A 75 25.56 -15.53 22.27
CA THR A 75 26.48 -16.58 21.86
C THR A 75 26.50 -16.78 20.33
N LEU A 76 25.73 -15.97 19.61
CA LEU A 76 25.60 -16.13 18.15
C LEU A 76 26.94 -16.03 17.46
N TYR A 77 27.67 -14.95 17.69
CA TYR A 77 28.99 -14.77 17.09
C TYR A 77 30.07 -14.51 18.14
N PRO A 78 30.62 -15.58 18.71
CA PRO A 78 31.61 -15.51 19.79
C PRO A 78 32.87 -14.74 19.39
N GLY A 79 33.23 -13.72 20.16
CA GLY A 79 34.42 -12.94 19.92
C GLY A 79 34.27 -11.85 18.87
N PHE A 80 33.10 -11.78 18.26
CA PHE A 80 32.82 -10.80 17.23
C PHE A 80 32.45 -9.47 17.88
N GLU A 81 33.17 -8.43 17.49
CA GLU A 81 33.07 -7.10 18.06
C GLU A 81 31.65 -6.52 17.98
N GLY A 82 30.92 -6.85 16.92
CA GLY A 82 29.61 -6.26 16.68
C GLY A 82 28.57 -6.73 17.67
N THR A 83 28.76 -7.91 18.22
CA THR A 83 27.88 -8.39 19.28
C THR A 83 28.50 -8.12 20.66
N GLU A 84 29.77 -8.48 20.83
CA GLU A 84 30.48 -8.34 22.11
C GLU A 84 30.35 -6.95 22.75
N MET A 85 30.36 -5.91 21.93
CA MET A 85 30.24 -4.54 22.44
C MET A 85 28.95 -4.32 23.23
N TRP A 86 28.00 -5.24 23.10
CA TRP A 86 26.74 -5.12 23.82
C TRP A 86 26.68 -6.06 25.02
N ASN A 87 27.65 -6.97 25.11
CA ASN A 87 27.71 -7.94 26.20
C ASN A 87 28.16 -7.32 27.53
N PRO A 88 27.77 -7.93 28.65
CA PRO A 88 28.21 -7.49 30.00
C PRO A 88 29.73 -7.37 30.12
N ASN A 89 30.21 -6.22 30.58
CA ASN A 89 31.64 -6.00 30.77
C ASN A 89 32.10 -5.99 32.24
N ARG A 90 31.22 -6.40 33.14
CA ARG A 90 31.60 -6.66 34.51
CA ARG A 90 31.54 -6.62 34.54
C ARG A 90 30.91 -7.93 34.97
N GLU A 91 31.27 -8.40 36.16
CA GLU A 91 30.70 -9.61 36.72
C GLU A 91 29.17 -9.54 36.82
N LEU A 92 28.51 -10.68 36.59
CA LEU A 92 27.04 -10.75 36.67
C LEU A 92 26.57 -11.08 38.07
N SER A 93 25.60 -10.33 38.57
CA SER A 93 25.12 -10.54 39.92
C SER A 93 23.72 -9.99 40.06
N GLU A 94 22.95 -10.57 40.97
CA GLU A 94 21.67 -9.99 41.34
C GLU A 94 21.88 -8.73 42.18
N ASP A 95 23.06 -8.65 42.81
CA ASP A 95 23.46 -7.43 43.52
C ASP A 95 24.06 -6.49 42.49
N CYS A 96 23.25 -5.57 41.98
CA CYS A 96 23.60 -4.81 40.78
C CYS A 96 22.88 -3.47 40.67
N LEU A 97 22.17 -3.06 41.71
CA LEU A 97 21.49 -1.77 41.64
C LEU A 97 22.43 -0.59 41.99
N TYR A 98 23.25 -0.21 41.02
CA TYR A 98 24.21 0.87 41.18
C TYR A 98 24.03 1.86 40.03
N LEU A 99 24.42 3.10 40.25
CA LEU A 99 24.39 4.10 39.21
C LEU A 99 25.72 4.84 39.11
N ASN A 100 25.93 5.49 37.97
CA ASN A 100 27.16 6.18 37.67
C ASN A 100 26.88 7.64 37.38
N VAL A 101 27.85 8.51 37.66
CA VAL A 101 27.72 9.95 37.42
C VAL A 101 29.01 10.50 36.85
N TRP A 102 28.92 11.26 35.75
CA TRP A 102 30.06 11.99 35.22
C TRP A 102 29.75 13.48 35.27
N THR A 103 30.73 14.27 35.69
CA THR A 103 30.57 15.72 35.77
C THR A 103 31.83 16.38 35.25
N PRO A 104 31.71 17.65 34.82
CA PRO A 104 32.91 18.44 34.52
C PRO A 104 33.89 18.42 35.68
N TYR A 105 35.17 18.55 35.36
CA TYR A 105 36.21 18.65 36.36
C TYR A 105 36.87 20.00 36.20
N PRO A 106 36.81 20.84 37.25
CA PRO A 106 36.09 20.61 38.51
C PRO A 106 34.59 20.72 38.32
N ARG A 107 33.83 20.32 39.34
CA ARG A 107 32.36 20.33 39.25
C ARG A 107 31.86 21.75 39.00
N PRO A 108 30.83 21.88 38.15
CA PRO A 108 30.35 23.18 37.67
C PRO A 108 29.97 24.17 38.77
N ALA A 109 30.07 25.45 38.44
CA ALA A 109 29.84 26.54 39.39
C ALA A 109 28.36 26.75 39.65
N SER A 110 27.57 26.73 38.58
CA SER A 110 26.13 26.89 38.68
C SER A 110 25.43 25.57 38.35
N PRO A 111 24.16 25.42 38.74
CA PRO A 111 23.35 24.21 38.48
C PRO A 111 23.23 23.84 36.98
N THR A 112 23.63 22.61 36.65
CA THR A 112 23.78 22.19 35.26
C THR A 112 22.71 21.16 34.85
N PRO A 113 22.12 21.33 33.66
CA PRO A 113 21.09 20.36 33.26
C PRO A 113 21.66 18.95 33.30
N VAL A 114 20.83 18.03 33.78
CA VAL A 114 21.23 16.64 34.00
C VAL A 114 20.66 15.74 32.90
N LEU A 115 21.45 14.76 32.47
CA LEU A 115 21.00 13.79 31.49
C LEU A 115 21.03 12.42 32.10
N ILE A 116 19.91 11.71 32.04
CA ILE A 116 19.83 10.36 32.56
C ILE A 116 19.64 9.30 31.47
N TRP A 117 20.62 8.41 31.35
CA TRP A 117 20.62 7.37 30.33
C TRP A 117 19.95 6.09 30.81
N ILE A 118 19.04 5.56 30.02
CA ILE A 118 18.43 4.28 30.35
C ILE A 118 18.75 3.30 29.25
N TYR A 119 19.60 2.32 29.51
CA TYR A 119 20.03 1.41 28.44
C TYR A 119 18.89 0.53 27.93
N GLY A 120 19.01 0.13 26.67
CA GLY A 120 18.11 -0.85 26.08
C GLY A 120 18.74 -2.22 26.14
N GLY A 121 18.15 -3.17 25.40
CA GLY A 121 18.53 -4.57 25.46
C GLY A 121 17.32 -5.45 25.76
N GLY A 122 16.17 -5.07 25.18
CA GLY A 122 14.96 -5.89 25.21
C GLY A 122 14.42 -6.28 26.57
N PHE A 123 14.74 -5.49 27.60
CA PHE A 123 14.42 -5.80 29.00
C PHE A 123 14.99 -7.12 29.52
N TYR A 124 15.95 -7.70 28.81
CA TYR A 124 16.58 -8.94 29.26
C TYR A 124 18.10 -8.81 29.36
N SER A 125 18.62 -7.66 28.96
CA SER A 125 20.05 -7.44 28.93
C SER A 125 20.36 -5.96 28.96
N GLY A 126 21.65 -5.63 29.03
CA GLY A 126 22.08 -4.24 29.09
C GLY A 126 22.85 -3.94 30.35
N ALA A 127 23.52 -2.79 30.37
CA ALA A 127 24.37 -2.38 31.48
C ALA A 127 24.77 -0.92 31.28
N ALA A 128 24.88 -0.16 32.36
CA ALA A 128 25.26 1.24 32.22
C ALA A 128 26.78 1.40 32.06
N SER A 129 27.50 0.28 32.08
CA SER A 129 28.96 0.29 32.09
C SER A 129 29.60 -0.01 30.75
N LEU A 130 28.77 -0.21 29.73
CA LEU A 130 29.27 -0.45 28.37
C LEU A 130 30.04 0.75 27.87
N ASP A 131 31.10 0.47 27.12
CA ASP A 131 31.95 1.50 26.54
C ASP A 131 31.15 2.57 25.81
N VAL A 132 30.13 2.14 25.08
CA VAL A 132 29.40 2.99 24.17
C VAL A 132 28.45 3.93 24.93
N TYR A 133 28.35 3.73 26.25
CA TYR A 133 27.55 4.59 27.10
C TYR A 133 28.43 5.52 27.98
N ASP A 134 29.71 5.67 27.62
CA ASP A 134 30.68 6.48 28.37
C ASP A 134 30.32 7.98 28.40
N GLY A 135 29.90 8.47 29.55
CA GLY A 135 29.46 9.85 29.64
C GLY A 135 30.58 10.88 29.75
N ARG A 136 31.83 10.46 29.56
CA ARG A 136 32.93 11.38 29.81
C ARG A 136 33.01 12.46 28.74
N PHE A 137 32.56 12.12 27.53
CA PHE A 137 32.65 13.05 26.41
C PHE A 137 31.58 14.12 26.50
N LEU A 138 30.37 13.72 26.87
CA LEU A 138 29.29 14.68 27.06
C LEU A 138 29.62 15.63 28.20
N ALA A 139 30.22 15.09 29.25
CA ALA A 139 30.55 15.87 30.44
C ALA A 139 31.64 16.89 30.14
N GLN A 140 32.72 16.44 29.49
CA GLN A 140 33.84 17.32 29.18
C GLN A 140 33.45 18.34 28.14
N VAL A 141 32.87 17.88 27.03
CA VAL A 141 32.65 18.74 25.89
C VAL A 141 31.43 19.64 26.04
N GLU A 142 30.34 19.11 26.60
CA GLU A 142 29.14 19.93 26.75
C GLU A 142 28.91 20.47 28.17
N GLY A 143 29.72 20.01 29.12
CA GLY A 143 29.58 20.45 30.49
C GLY A 143 28.42 19.75 31.18
N ALA A 144 27.93 18.69 30.56
CA ALA A 144 26.73 18.02 31.04
C ALA A 144 26.98 17.20 32.30
N VAL A 145 25.95 17.05 33.13
CA VAL A 145 25.98 16.05 34.19
C VAL A 145 25.19 14.84 33.69
N LEU A 146 25.85 13.69 33.63
CA LEU A 146 25.29 12.48 33.03
C LEU A 146 25.18 11.40 34.10
N VAL A 147 23.98 10.81 34.21
CA VAL A 147 23.72 9.75 35.18
C VAL A 147 23.17 8.54 34.45
N SER A 148 23.79 7.38 34.65
CA SER A 148 23.24 6.16 34.09
C SER A 148 23.10 5.15 35.21
N MET A 149 22.01 4.38 35.15
CA MET A 149 21.75 3.40 36.21
C MET A 149 21.61 1.99 35.65
N ASN A 150 21.96 1.01 36.49
CA ASN A 150 21.59 -0.37 36.25
C ASN A 150 20.17 -0.57 36.75
N TYR A 151 19.39 -1.38 36.04
CA TYR A 151 18.09 -1.79 36.53
C TYR A 151 17.94 -3.27 36.24
N ARG A 152 17.12 -3.96 37.02
CA ARG A 152 16.97 -5.40 36.85
C ARG A 152 16.31 -5.74 35.51
N VAL A 153 16.88 -6.73 34.83
CA VAL A 153 16.34 -7.21 33.58
C VAL A 153 15.90 -8.67 33.68
N GLY A 154 15.14 -9.12 32.68
CA GLY A 154 14.73 -10.50 32.61
C GLY A 154 13.71 -10.89 33.66
N THR A 155 13.82 -12.12 34.13
CA THR A 155 12.92 -12.62 35.16
C THR A 155 13.02 -11.72 36.41
N PHE A 156 14.24 -11.43 36.84
CA PHE A 156 14.50 -10.66 38.06
C PHE A 156 13.89 -9.27 37.99
N GLY A 157 13.85 -8.71 36.79
CA GLY A 157 13.24 -7.41 36.59
C GLY A 157 11.77 -7.43 36.25
N PHE A 158 11.30 -8.46 35.55
CA PHE A 158 9.97 -8.38 34.96
C PHE A 158 9.03 -9.59 35.08
N LEU A 159 9.51 -10.68 35.67
CA LEU A 159 8.62 -11.80 35.93
C LEU A 159 7.50 -11.31 36.85
N ALA A 160 6.26 -11.66 36.50
CA ALA A 160 5.13 -11.17 37.23
C ALA A 160 4.02 -12.20 37.34
N LEU A 161 3.54 -12.37 38.56
CA LEU A 161 2.27 -13.01 38.79
C LEU A 161 1.37 -11.88 39.23
N PRO A 162 0.79 -11.16 38.24
CA PRO A 162 0.04 -9.93 38.47
C PRO A 162 -1.01 -10.08 39.57
N GLY A 163 -1.04 -9.12 40.49
CA GLY A 163 -1.97 -9.16 41.59
C GLY A 163 -1.37 -9.71 42.86
N SER A 164 -0.29 -10.48 42.73
CA SER A 164 0.39 -11.01 43.92
C SER A 164 1.28 -9.92 44.53
N ARG A 165 1.71 -10.12 45.78
CA ARG A 165 2.62 -9.17 46.39
C ARG A 165 4.09 -9.60 46.26
N GLU A 166 4.31 -10.88 46.03
CA GLU A 166 5.67 -11.42 45.98
C GLU A 166 6.35 -11.23 44.63
N ALA A 167 5.54 -10.92 43.61
CA ALA A 167 6.04 -10.64 42.27
C ALA A 167 5.01 -9.82 41.50
N PRO A 168 4.92 -8.53 41.84
CA PRO A 168 3.90 -7.65 41.26
C PRO A 168 4.22 -7.25 39.83
N GLY A 169 5.45 -7.53 39.40
CA GLY A 169 5.92 -7.12 38.09
C GLY A 169 6.39 -5.68 37.97
N ASN A 170 7.03 -5.37 36.85
CA ASN A 170 7.58 -4.04 36.58
C ASN A 170 8.68 -3.57 37.56
N VAL A 171 9.18 -4.45 38.43
CA VAL A 171 10.16 -4.03 39.43
C VAL A 171 11.41 -3.49 38.79
N GLY A 172 11.68 -3.92 37.55
CA GLY A 172 12.76 -3.33 36.77
C GLY A 172 12.53 -1.85 36.52
N LEU A 173 11.28 -1.50 36.21
CA LEU A 173 10.91 -0.09 36.03
C LEU A 173 10.99 0.71 37.34
N LEU A 174 10.69 0.04 38.44
CA LEU A 174 10.72 0.67 39.75
C LEU A 174 12.17 0.92 40.19
N ASP A 175 13.08 0.06 39.73
CA ASP A 175 14.53 0.28 39.91
C ASP A 175 14.90 1.62 39.27
N GLN A 176 14.46 1.80 38.03
CA GLN A 176 14.72 3.03 37.31
C GLN A 176 14.12 4.26 38.01
N ARG A 177 12.89 4.14 38.48
CA ARG A 177 12.24 5.27 39.14
C ARG A 177 12.96 5.66 40.43
N LEU A 178 13.50 4.66 41.13
CA LEU A 178 14.22 4.90 42.38
C LEU A 178 15.50 5.66 42.12
N ALA A 179 16.18 5.33 41.04
CA ALA A 179 17.34 6.10 40.63
C ALA A 179 16.92 7.52 40.27
N LEU A 180 15.73 7.69 39.72
CA LEU A 180 15.28 9.04 39.36
C LEU A 180 15.07 9.87 40.63
N GLN A 181 14.58 9.24 41.69
CA GLN A 181 14.36 9.92 42.95
C GLN A 181 15.69 10.21 43.61
N TRP A 182 16.64 9.30 43.42
CA TRP A 182 17.99 9.45 43.93
C TRP A 182 18.59 10.70 43.32
N VAL A 183 18.44 10.84 42.00
CA VAL A 183 18.92 12.02 41.31
C VAL A 183 18.25 13.29 41.90
N GLN A 184 16.94 13.23 42.14
CA GLN A 184 16.23 14.39 42.71
C GLN A 184 16.83 14.82 44.05
N GLU A 185 17.16 13.86 44.90
CA GLU A 185 17.67 14.21 46.21
C GLU A 185 19.14 14.59 46.21
N ASN A 186 19.92 13.97 45.34
CA ASN A 186 21.37 13.95 45.48
C ASN A 186 22.20 14.66 44.43
N ILE A 187 21.63 14.91 43.25
CA ILE A 187 22.44 15.35 42.11
C ILE A 187 23.03 16.74 42.33
N ALA A 188 22.37 17.56 43.14
CA ALA A 188 22.83 18.91 43.38
C ALA A 188 24.18 18.89 44.08
N ALA A 189 24.51 17.80 44.77
CA ALA A 189 25.82 17.65 45.42
C ALA A 189 26.96 17.51 44.42
N PHE A 190 26.62 17.27 43.15
CA PHE A 190 27.61 17.11 42.10
C PHE A 190 27.57 18.34 41.20
N GLY A 191 26.67 19.27 41.51
CA GLY A 191 26.49 20.45 40.68
C GLY A 191 25.44 20.29 39.58
N GLY A 192 24.71 19.16 39.58
CA GLY A 192 23.58 19.01 38.69
C GLY A 192 22.35 19.79 39.17
N ASP A 193 21.46 20.07 38.23
CA ASP A 193 20.23 20.82 38.47
C ASP A 193 19.07 19.81 38.52
N PRO A 194 18.51 19.60 39.71
CA PRO A 194 17.43 18.60 39.77
C PRO A 194 16.13 19.08 39.10
N MET A 195 16.02 20.38 38.84
CA MET A 195 14.82 20.90 38.21
C MET A 195 14.93 20.91 36.69
N SER A 196 16.06 20.40 36.18
CA SER A 196 16.27 20.25 34.74
C SER A 196 16.83 18.87 34.46
N VAL A 197 15.94 17.90 34.30
CA VAL A 197 16.34 16.51 34.10
C VAL A 197 15.70 15.93 32.84
N THR A 198 16.55 15.41 31.97
CA THR A 198 16.13 14.88 30.68
C THR A 198 16.47 13.40 30.62
N LEU A 199 15.45 12.56 30.45
CA LEU A 199 15.68 11.13 30.26
C LEU A 199 16.00 10.88 28.81
N PHE A 200 16.93 9.97 28.56
CA PHE A 200 17.18 9.49 27.22
C PHE A 200 17.66 8.06 27.24
N GLY A 201 17.18 7.29 26.28
CA GLY A 201 17.43 5.86 26.23
C GLY A 201 17.15 5.34 24.85
N GLU A 202 17.74 4.20 24.54
CA GLU A 202 17.60 3.61 23.23
C GLU A 202 16.89 2.26 23.33
N SER A 203 16.13 1.91 22.29
CA SER A 203 15.45 0.61 22.22
C SER A 203 14.54 0.38 23.44
N ALA A 204 14.78 -0.69 24.20
CA ALA A 204 14.00 -0.92 25.42
C ALA A 204 14.15 0.24 26.41
N GLY A 205 15.32 0.90 26.40
CA GLY A 205 15.57 2.05 27.23
C GLY A 205 14.62 3.18 26.86
N ALA A 206 14.48 3.40 25.55
CA ALA A 206 13.50 4.35 25.03
C ALA A 206 12.08 4.00 25.48
N ALA A 207 11.70 2.73 25.37
CA ALA A 207 10.38 2.30 25.85
C ALA A 207 10.21 2.64 27.32
N SER A 208 11.24 2.32 28.10
CA SER A 208 11.29 2.68 29.53
C SER A 208 10.99 4.15 29.75
N VAL A 209 11.63 5.02 28.95
CA VAL A 209 11.41 6.46 29.07
C VAL A 209 9.92 6.72 28.84
N GLY A 210 9.38 6.07 27.82
CA GLY A 210 7.97 6.19 27.49
C GLY A 210 7.07 5.76 28.64
N MET A 211 7.40 4.64 29.26
CA MET A 211 6.65 4.20 30.44
C MET A 211 6.65 5.27 31.53
N HIS A 212 7.77 5.98 31.69
CA HIS A 212 7.86 6.99 32.75
C HIS A 212 7.00 8.21 32.43
N ILE A 213 6.91 8.55 31.15
CA ILE A 213 6.01 9.60 30.71
C ILE A 213 4.56 9.20 31.00
N LEU A 214 4.26 7.91 30.87
CA LEU A 214 2.89 7.44 31.05
C LEU A 214 2.55 7.04 32.48
N SER A 215 3.53 7.09 33.38
CA SER A 215 3.29 6.70 34.76
C SER A 215 3.33 7.88 35.72
N LEU A 216 2.18 8.22 36.28
CA LEU A 216 2.04 9.39 37.14
C LEU A 216 3.18 9.65 38.15
N PRO A 217 3.57 8.62 38.94
CA PRO A 217 4.60 8.95 39.94
C PRO A 217 5.96 9.34 39.33
N SER A 218 6.27 8.89 38.12
CA SER A 218 7.54 9.23 37.52
C SER A 218 7.58 10.67 37.03
N ARG A 219 6.40 11.24 36.80
CA ARG A 219 6.27 12.49 36.06
C ARG A 219 6.92 13.69 36.73
N SER A 220 6.97 13.70 38.05
CA SER A 220 7.59 14.80 38.76
C SER A 220 9.10 14.60 38.88
N LEU A 221 9.62 13.53 38.29
CA LEU A 221 11.04 13.20 38.42
C LEU A 221 11.86 13.64 37.21
N PHE A 222 11.20 14.10 36.16
CA PHE A 222 11.92 14.59 34.99
C PHE A 222 11.13 15.67 34.25
N HIS A 223 11.72 16.27 33.23
CA HIS A 223 11.07 17.41 32.56
C HIS A 223 10.98 17.27 31.04
N ARG A 224 11.85 16.44 30.49
CA ARG A 224 11.99 16.30 29.04
C ARG A 224 12.44 14.89 28.77
N ALA A 225 12.17 14.40 27.56
CA ALA A 225 12.47 13.02 27.25
C ALA A 225 12.92 12.85 25.82
N VAL A 226 13.84 11.93 25.61
CA VAL A 226 14.31 11.53 24.28
C VAL A 226 14.13 10.02 24.13
N LEU A 227 13.48 9.60 23.04
CA LEU A 227 13.26 8.17 22.78
C LEU A 227 13.92 7.77 21.47
N GLN A 228 14.99 6.99 21.57
CA GLN A 228 15.75 6.58 20.39
C GLN A 228 15.38 5.13 19.99
N SER A 229 14.72 4.98 18.85
CA SER A 229 14.35 3.65 18.33
C SER A 229 13.64 2.75 19.32
N GLY A 230 12.65 3.28 20.03
CA GLY A 230 11.86 2.48 20.92
C GLY A 230 10.68 3.27 21.45
N THR A 231 9.61 2.58 21.80
CA THR A 231 8.39 3.23 22.25
C THR A 231 7.72 2.34 23.29
N PRO A 232 6.92 2.94 24.18
CA PRO A 232 6.20 2.10 25.14
C PRO A 232 5.05 1.35 24.45
N ASN A 233 4.40 2.01 23.49
CA ASN A 233 3.46 1.34 22.61
C ASN A 233 4.20 0.37 21.66
N GLY A 234 3.46 -0.40 20.89
CA GLY A 234 4.07 -1.33 19.96
C GLY A 234 3.91 -2.77 20.37
N PRO A 235 4.49 -3.68 19.58
CA PRO A 235 4.20 -5.12 19.71
C PRO A 235 5.06 -5.87 20.73
N TRP A 236 6.16 -5.27 21.18
CA TRP A 236 7.12 -5.98 22.02
C TRP A 236 7.33 -5.41 23.44
N ALA A 237 6.99 -4.15 23.67
CA ALA A 237 7.40 -3.48 24.91
C ALA A 237 6.57 -3.85 26.14
N THR A 238 5.34 -4.30 25.94
CA THR A 238 4.49 -4.74 27.05
C THR A 238 3.81 -6.08 26.78
N VAL A 239 3.38 -6.74 27.85
CA VAL A 239 2.50 -7.90 27.73
C VAL A 239 1.33 -7.69 28.69
N SER A 240 0.20 -8.32 28.41
CA SER A 240 -0.97 -8.20 29.27
C SER A 240 -0.73 -8.93 30.58
N ALA A 241 -1.58 -8.69 31.57
CA ALA A 241 -1.48 -9.43 32.82
C ALA A 241 -1.59 -10.92 32.54
N GLY A 242 -2.53 -11.28 31.68
CA GLY A 242 -2.76 -12.68 31.33
C GLY A 242 -1.52 -13.35 30.78
N GLU A 243 -0.87 -12.69 29.83
CA GLU A 243 0.27 -13.31 29.17
C GLU A 243 1.45 -13.44 30.11
N ALA A 244 1.63 -12.46 30.98
CA ALA A 244 2.77 -12.49 31.89
C ALA A 244 2.60 -13.62 32.88
N ARG A 245 1.37 -13.81 33.33
CA ARG A 245 1.08 -14.91 34.24
C ARG A 245 1.45 -16.24 33.58
N ARG A 246 1.00 -16.41 32.34
CA ARG A 246 1.26 -17.63 31.61
C ARG A 246 2.77 -17.92 31.48
N ARG A 247 3.54 -16.86 31.25
CA ARG A 247 4.98 -17.02 31.09
C ARG A 247 5.71 -17.29 32.41
N ALA A 248 5.32 -16.60 33.47
CA ALA A 248 5.90 -16.84 34.79
C ALA A 248 5.61 -18.27 35.22
N THR A 249 4.37 -18.68 35.01
CA THR A 249 3.89 -19.99 35.38
C THR A 249 4.63 -21.07 34.63
N LEU A 250 4.89 -20.84 33.34
CA LEU A 250 5.58 -21.82 32.51
C LEU A 250 7.05 -21.92 32.89
N LEU A 251 7.68 -20.78 33.13
CA LEU A 251 9.08 -20.74 33.52
C LEU A 251 9.30 -21.45 34.86
N ALA A 252 8.38 -21.23 35.79
CA ALA A 252 8.36 -22.00 37.04
C ALA A 252 8.39 -23.49 36.78
N ARG A 253 7.49 -23.99 35.92
CA ARG A 253 7.46 -25.41 35.57
C ARG A 253 8.82 -25.87 35.03
N LEU A 254 9.35 -25.13 34.06
CA LEU A 254 10.60 -25.49 33.38
C LEU A 254 11.78 -25.61 34.34
N VAL A 255 11.69 -24.94 35.49
CA VAL A 255 12.73 -25.03 36.49
C VAL A 255 12.26 -25.78 37.74
N GLY A 256 11.14 -26.50 37.61
CA GLY A 256 10.67 -27.38 38.67
C GLY A 256 9.87 -26.75 39.80
N CYS A 257 8.98 -25.81 39.48
CA CYS A 257 8.13 -25.16 40.48
C CYS A 257 6.66 -25.18 40.05
N ASN A 265 -1.74 -21.38 44.21
CA ASN A 265 -1.23 -20.40 45.16
C ASN A 265 0.09 -19.75 44.68
N ASP A 266 0.07 -18.44 44.51
CA ASP A 266 1.23 -17.73 43.97
C ASP A 266 2.42 -17.66 44.94
N THR A 267 2.14 -17.66 46.24
CA THR A 267 3.18 -17.58 47.26
C THR A 267 4.14 -18.76 47.20
N GLU A 268 3.59 -19.97 47.21
CA GLU A 268 4.38 -21.19 47.09
C GLU A 268 5.23 -21.19 45.82
N LEU A 269 4.60 -20.88 44.70
CA LEU A 269 5.26 -20.82 43.42
C LEU A 269 6.46 -19.88 43.48
N ILE A 270 6.22 -18.63 43.87
CA ILE A 270 7.26 -17.62 43.91
C ILE A 270 8.35 -17.97 44.91
N ALA A 271 7.95 -18.54 46.04
CA ALA A 271 8.91 -18.95 47.07
C ALA A 271 9.85 -20.01 46.50
N CYS A 272 9.34 -20.87 45.65
CA CYS A 272 10.19 -21.92 45.10
C CYS A 272 11.16 -21.33 44.09
N LEU A 273 10.67 -20.40 43.27
CA LEU A 273 11.55 -19.68 42.33
C LEU A 273 12.71 -18.98 43.05
N ARG A 274 12.43 -18.38 44.20
N ARG A 274 12.43 -18.38 44.20
CA ARG A 274 13.47 -17.66 44.95
CA ARG A 274 13.46 -17.66 44.94
C ARG A 274 14.58 -18.61 45.39
C ARG A 274 14.55 -18.60 45.44
N THR A 275 14.28 -19.91 45.43
CA THR A 275 15.28 -20.91 45.77
C THR A 275 16.16 -21.28 44.58
N ARG A 276 15.81 -20.82 43.38
CA ARG A 276 16.56 -21.22 42.20
C ARG A 276 17.82 -20.39 41.95
N PRO A 277 18.92 -21.06 41.59
CA PRO A 277 20.13 -20.35 41.21
C PRO A 277 19.79 -19.43 40.06
N ALA A 278 20.37 -18.24 40.01
CA ALA A 278 20.00 -17.26 38.98
C ALA A 278 20.20 -17.77 37.55
N GLN A 279 21.20 -18.62 37.35
CA GLN A 279 21.51 -19.12 36.02
C GLN A 279 20.44 -20.06 35.48
N ASP A 280 19.76 -20.81 36.35
CA ASP A 280 18.69 -21.69 35.90
C ASP A 280 17.54 -20.87 35.32
N LEU A 281 17.19 -19.76 35.96
CA LEU A 281 16.13 -18.91 35.45
C LEU A 281 16.52 -18.32 34.08
N VAL A 282 17.78 -17.93 33.96
CA VAL A 282 18.29 -17.38 32.71
C VAL A 282 18.32 -18.46 31.61
N ASP A 283 18.68 -19.68 31.97
CA ASP A 283 18.81 -20.77 30.99
C ASP A 283 17.50 -21.11 30.28
N HIS A 284 16.36 -20.82 30.93
CA HIS A 284 15.06 -21.18 30.39
C HIS A 284 14.21 -20.00 29.99
N GLU A 285 14.80 -18.81 30.09
CA GLU A 285 14.09 -17.57 29.82
C GLU A 285 13.46 -17.49 28.41
N TRP A 286 14.22 -17.86 27.38
CA TRP A 286 13.69 -17.79 26.02
C TRP A 286 12.61 -18.83 25.72
N HIS A 287 12.52 -19.87 26.53
CA HIS A 287 11.63 -20.99 26.24
C HIS A 287 10.15 -20.72 26.48
N VAL A 288 9.80 -19.56 27.02
CA VAL A 288 8.39 -19.29 27.32
C VAL A 288 7.64 -18.46 26.27
N LEU A 289 8.34 -18.01 25.21
CA LEU A 289 7.67 -17.30 24.11
C LEU A 289 6.59 -18.14 23.40
N PRO A 290 5.42 -17.54 23.15
CA PRO A 290 4.29 -18.26 22.55
C PRO A 290 4.56 -18.75 21.12
N GLN A 291 5.30 -17.98 20.32
CA GLN A 291 5.59 -18.41 18.96
C GLN A 291 7.07 -18.27 18.66
N GLU A 292 7.53 -18.94 17.61
CA GLU A 292 8.85 -18.67 17.06
C GLU A 292 8.88 -17.23 16.58
N SER A 293 9.80 -16.42 17.10
CA SER A 293 9.81 -15.01 16.75
C SER A 293 11.18 -14.37 16.73
N ILE A 294 11.22 -13.15 16.19
CA ILE A 294 12.30 -12.21 16.48
C ILE A 294 11.67 -10.91 17.00
N PHE A 295 12.48 -10.13 17.74
CA PHE A 295 12.05 -8.87 18.36
C PHE A 295 10.92 -9.09 19.35
N ARG A 296 10.99 -10.25 20.02
CA ARG A 296 10.08 -10.56 21.13
C ARG A 296 10.91 -10.99 22.32
N PHE A 297 10.51 -10.56 23.50
CA PHE A 297 11.27 -10.86 24.71
C PHE A 297 10.32 -11.35 25.78
N SER A 298 10.77 -12.35 26.53
CA SER A 298 9.90 -13.11 27.41
C SER A 298 9.38 -12.29 28.60
N PHE A 299 10.25 -11.49 29.19
CA PHE A 299 9.89 -10.76 30.40
C PHE A 299 10.12 -9.26 30.28
N VAL A 300 9.02 -8.53 30.18
CA VAL A 300 9.00 -7.13 29.82
C VAL A 300 7.94 -6.48 30.70
N PRO A 301 7.81 -5.15 30.67
CA PRO A 301 6.75 -4.52 31.48
C PRO A 301 5.37 -5.13 31.22
N VAL A 302 4.59 -5.30 32.28
CA VAL A 302 3.26 -5.85 32.16
C VAL A 302 2.24 -4.72 32.36
N VAL A 303 1.08 -4.84 31.73
CA VAL A 303 0.00 -3.89 31.98
C VAL A 303 -0.71 -4.33 33.26
N ASP A 304 -0.28 -3.74 34.38
CA ASP A 304 -0.71 -4.18 35.70
C ASP A 304 -1.86 -3.34 36.23
N GLY A 305 -2.16 -2.25 35.55
CA GLY A 305 -3.16 -1.32 36.06
C GLY A 305 -2.65 -0.56 37.28
N ASP A 306 -1.34 -0.52 37.44
CA ASP A 306 -0.70 0.14 38.59
C ASP A 306 0.39 1.13 38.13
N PHE A 307 1.59 0.61 37.87
CA PHE A 307 2.60 1.39 37.14
C PHE A 307 2.02 1.86 35.81
N LEU A 308 1.48 0.92 35.03
CA LEU A 308 0.78 1.25 33.79
C LEU A 308 -0.71 1.08 33.99
N SER A 309 -1.44 2.18 34.18
CA SER A 309 -2.86 2.10 34.51
C SER A 309 -3.72 1.49 33.40
N ASP A 310 -3.18 1.43 32.19
CA ASP A 310 -3.85 0.86 31.03
C ASP A 310 -2.76 0.55 29.99
N THR A 311 -3.14 0.06 28.81
CA THR A 311 -2.16 -0.23 27.76
C THR A 311 -1.54 1.09 27.32
N PRO A 312 -0.25 1.06 26.93
CA PRO A 312 0.39 2.28 26.41
C PRO A 312 -0.39 2.89 25.26
N GLU A 313 -1.03 2.05 24.45
CA GLU A 313 -1.81 2.52 23.30
C GLU A 313 -2.98 3.39 23.75
N ALA A 314 -3.77 2.88 24.67
CA ALA A 314 -4.84 3.65 25.29
C ALA A 314 -4.33 4.97 25.85
N LEU A 315 -3.27 4.89 26.67
CA LEU A 315 -2.73 6.07 27.35
C LEU A 315 -2.27 7.17 26.40
N ILE A 316 -1.46 6.83 25.39
CA ILE A 316 -1.04 7.84 24.43
C ILE A 316 -2.21 8.37 23.59
N ASN A 317 -3.24 7.56 23.35
CA ASN A 317 -4.40 8.02 22.57
C ASN A 317 -5.32 8.97 23.32
N THR A 318 -5.23 8.98 24.65
CA THR A 318 -6.19 9.71 25.47
C THR A 318 -5.56 10.66 26.50
N GLY A 319 -4.24 10.72 26.53
CA GLY A 319 -3.55 11.56 27.51
C GLY A 319 -3.34 13.00 27.09
N ASP A 320 -3.32 13.89 28.07
CA ASP A 320 -2.96 15.29 27.85
C ASP A 320 -1.44 15.42 27.97
N PHE A 321 -0.81 16.05 26.97
CA PHE A 321 0.64 16.22 27.00
C PHE A 321 1.10 17.65 26.74
N GLN A 322 0.29 18.62 27.18
CA GLN A 322 0.71 20.02 27.22
C GLN A 322 2.04 20.11 27.96
N ASP A 323 2.90 21.01 27.49
CA ASP A 323 4.14 21.34 28.19
C ASP A 323 5.07 20.13 28.36
N LEU A 324 4.87 19.12 27.53
CA LEU A 324 5.81 18.02 27.48
C LEU A 324 6.65 18.18 26.24
N GLN A 325 7.97 18.05 26.38
CA GLN A 325 8.87 18.13 25.25
C GLN A 325 9.63 16.84 25.00
N VAL A 326 9.54 16.33 23.78
CA VAL A 326 10.12 15.04 23.43
C VAL A 326 10.89 15.08 22.13
N LEU A 327 12.01 14.37 22.09
CA LEU A 327 12.78 14.16 20.88
C LEU A 327 12.66 12.67 20.62
N VAL A 328 12.28 12.31 19.40
CA VAL A 328 12.10 10.91 19.04
C VAL A 328 12.75 10.67 17.70
N GLY A 329 13.10 9.43 17.42
CA GLY A 329 13.68 9.13 16.13
C GLY A 329 14.07 7.68 15.96
N VAL A 330 14.70 7.40 14.82
CA VAL A 330 14.95 6.03 14.41
C VAL A 330 16.21 6.00 13.58
N VAL A 331 16.82 4.81 13.46
CA VAL A 331 17.93 4.68 12.52
C VAL A 331 17.37 4.22 11.17
N LYS A 332 18.21 4.21 10.13
CA LYS A 332 17.72 3.97 8.77
C LYS A 332 17.34 2.51 8.54
N ASP A 333 18.00 1.59 9.24
CA ASP A 333 17.72 0.18 9.08
C ASP A 333 17.43 -0.52 10.41
N GLU A 334 16.28 -0.18 10.99
CA GLU A 334 15.92 -0.70 12.31
C GLU A 334 15.87 -2.22 12.36
N GLY A 335 15.47 -2.84 11.25
CA GLY A 335 15.18 -4.27 11.30
C GLY A 335 16.35 -5.21 11.08
N SER A 336 17.40 -4.78 10.39
CA SER A 336 18.38 -5.74 9.88
C SER A 336 19.07 -6.61 10.94
N TYR A 337 19.45 -6.00 12.05
CA TYR A 337 20.13 -6.67 13.16
C TYR A 337 19.37 -7.92 13.63
N PHE A 338 18.06 -7.83 13.67
CA PHE A 338 17.23 -8.90 14.20
C PHE A 338 17.17 -10.15 13.32
N LEU A 339 17.32 -9.95 12.01
CA LEU A 339 17.17 -11.04 11.06
C LEU A 339 18.18 -12.19 11.26
N VAL A 340 19.41 -11.88 11.68
CA VAL A 340 20.42 -12.94 11.82
C VAL A 340 20.18 -13.78 13.09
N TYR A 341 19.26 -13.33 13.91
CA TYR A 341 18.93 -14.04 15.14
C TYR A 341 17.65 -14.87 15.07
N GLY A 342 17.20 -15.20 13.86
CA GLY A 342 15.97 -15.97 13.77
C GLY A 342 15.37 -16.27 12.42
N VAL A 343 15.64 -15.44 11.41
CA VAL A 343 15.05 -15.70 10.09
C VAL A 343 16.00 -16.45 9.18
N PRO A 344 15.63 -17.70 8.81
CA PRO A 344 16.54 -18.53 8.02
C PRO A 344 16.89 -17.83 6.72
N GLY A 345 18.15 -17.95 6.29
CA GLY A 345 18.64 -17.24 5.13
C GLY A 345 19.55 -16.07 5.49
N PHE A 346 19.42 -15.56 6.71
CA PHE A 346 20.20 -14.38 7.11
C PHE A 346 21.45 -14.71 7.96
N SER A 347 22.55 -14.06 7.60
CA SER A 347 23.81 -14.21 8.32
C SER A 347 24.64 -12.96 8.07
N LYS A 348 25.53 -12.66 9.00
CA LYS A 348 26.41 -11.51 8.83
C LYS A 348 27.54 -11.87 7.89
N ASP A 349 27.71 -13.17 7.63
CA ASP A 349 28.87 -13.67 6.89
C ASP A 349 28.62 -13.86 5.40
N ASN A 350 27.39 -13.59 4.96
CA ASN A 350 27.08 -13.55 3.54
C ASN A 350 26.11 -12.41 3.27
N GLU A 351 25.70 -12.29 2.00
CA GLU A 351 24.86 -11.19 1.55
C GLU A 351 23.38 -11.35 1.90
N SER A 352 23.04 -12.50 2.46
CA SER A 352 21.67 -12.79 2.89
C SER A 352 20.60 -12.62 1.80
N LEU A 353 20.95 -12.93 0.55
CA LEU A 353 19.99 -12.90 -0.53
C LEU A 353 19.01 -14.08 -0.38
N ILE A 354 17.77 -13.78 -0.04
CA ILE A 354 16.78 -14.82 0.21
C ILE A 354 15.79 -15.06 -0.95
N SER A 355 15.13 -16.21 -0.93
CA SER A 355 14.10 -16.51 -1.91
C SER A 355 12.73 -15.98 -1.45
N ARG A 356 11.76 -16.01 -2.35
CA ARG A 356 10.41 -15.60 -2.01
C ARG A 356 9.90 -16.48 -0.88
N ALA A 357 10.18 -17.77 -0.98
CA ALA A 357 9.77 -18.72 0.05
C ALA A 357 10.31 -18.29 1.40
N GLN A 358 11.57 -17.88 1.44
CA GLN A 358 12.21 -17.51 2.70
C GLN A 358 11.62 -16.24 3.22
N PHE A 359 11.17 -15.37 2.32
CA PHE A 359 10.50 -14.15 2.72
C PHE A 359 9.15 -14.46 3.39
N LEU A 360 8.35 -15.33 2.77
CA LEU A 360 7.07 -15.71 3.36
C LEU A 360 7.27 -16.34 4.75
N ALA A 361 8.19 -17.30 4.86
CA ALA A 361 8.53 -17.89 6.16
C ALA A 361 8.96 -16.82 7.17
N GLY A 362 9.81 -15.90 6.72
CA GLY A 362 10.34 -14.86 7.57
C GLY A 362 9.29 -13.88 8.08
N VAL A 363 8.29 -13.58 7.26
CA VAL A 363 7.22 -12.69 7.69
C VAL A 363 6.48 -13.26 8.90
N ARG A 364 6.20 -14.58 8.90
CA ARG A 364 5.50 -15.20 10.00
C ARG A 364 6.29 -15.09 11.31
N ILE A 365 7.62 -15.09 11.19
CA ILE A 365 8.49 -15.07 12.35
C ILE A 365 8.61 -13.65 12.90
N GLY A 366 8.84 -12.70 12.00
CA GLY A 366 8.89 -11.29 12.32
C GLY A 366 7.55 -10.59 12.60
N VAL A 367 6.45 -11.27 12.28
CA VAL A 367 5.13 -10.79 12.69
C VAL A 367 4.41 -11.95 13.36
N PRO A 368 4.96 -12.42 14.49
CA PRO A 368 4.48 -13.69 15.04
C PRO A 368 3.03 -13.69 15.47
N GLN A 369 2.48 -12.52 15.77
N GLN A 369 2.44 -12.54 15.78
CA GLN A 369 1.09 -12.39 16.24
CA GLN A 369 1.05 -12.51 16.22
C GLN A 369 0.09 -12.22 15.10
C GLN A 369 0.09 -12.69 15.05
N ALA A 370 0.55 -12.35 13.86
CA ALA A 370 -0.32 -12.26 12.68
C ALA A 370 -1.01 -13.56 12.27
N SER A 371 -2.33 -13.48 12.09
CA SER A 371 -3.08 -14.54 11.41
C SER A 371 -2.54 -14.77 9.99
N ASP A 372 -3.05 -15.79 9.31
CA ASP A 372 -2.62 -16.06 7.94
C ASP A 372 -2.94 -14.89 7.01
N LEU A 373 -4.10 -14.26 7.21
CA LEU A 373 -4.55 -13.16 6.36
C LEU A 373 -3.73 -11.88 6.60
N ALA A 374 -3.52 -11.55 7.87
CA ALA A 374 -2.70 -10.40 8.21
C ALA A 374 -1.30 -10.57 7.63
N ALA A 375 -0.77 -11.80 7.68
CA ALA A 375 0.56 -12.08 7.14
C ALA A 375 0.54 -11.92 5.63
N GLU A 376 -0.54 -12.36 5.02
CA GLU A 376 -0.71 -12.20 3.57
C GLU A 376 -0.68 -10.72 3.21
N ALA A 377 -1.38 -9.90 3.97
CA ALA A 377 -1.39 -8.46 3.72
C ALA A 377 0.00 -7.82 3.79
N VAL A 378 0.80 -8.24 4.78
CA VAL A 378 2.17 -7.75 4.92
C VAL A 378 2.99 -8.12 3.70
N VAL A 379 2.84 -9.36 3.25
CA VAL A 379 3.61 -9.84 2.11
C VAL A 379 3.20 -9.11 0.85
N LEU A 380 1.91 -8.85 0.70
CA LEU A 380 1.42 -8.15 -0.47
C LEU A 380 1.87 -6.69 -0.46
N HIS A 381 1.83 -6.08 0.72
CA HIS A 381 2.31 -4.70 0.86
C HIS A 381 3.81 -4.55 0.60
N TYR A 382 4.60 -5.48 1.13
CA TYR A 382 6.06 -5.33 1.03
C TYR A 382 6.68 -5.93 -0.23
N THR A 383 5.93 -6.76 -0.95
CA THR A 383 6.43 -7.30 -2.22
C THR A 383 6.60 -6.18 -3.25
N ASP A 384 7.73 -6.21 -3.96
CA ASP A 384 7.88 -5.37 -5.16
C ASP A 384 7.33 -6.12 -6.39
N TRP A 385 6.13 -5.74 -6.86
CA TRP A 385 5.46 -6.54 -7.90
C TRP A 385 6.09 -6.47 -9.28
N LEU A 386 6.98 -5.49 -9.49
CA LEU A 386 7.80 -5.44 -10.70
C LEU A 386 8.95 -6.44 -10.61
N HIS A 387 9.37 -6.75 -9.38
CA HIS A 387 10.43 -7.73 -9.17
C HIS A 387 10.15 -8.63 -7.96
N PRO A 388 9.00 -9.35 -7.99
CA PRO A 388 8.54 -10.08 -6.80
C PRO A 388 9.48 -11.19 -6.33
N GLU A 389 10.42 -11.61 -7.19
CA GLU A 389 11.31 -12.73 -6.88
C GLU A 389 12.77 -12.29 -6.68
N ASP A 390 13.03 -10.99 -6.78
CA ASP A 390 14.39 -10.47 -6.62
C ASP A 390 14.94 -10.65 -5.20
N PRO A 391 15.99 -11.47 -5.03
CA PRO A 391 16.58 -11.76 -3.72
C PRO A 391 16.99 -10.52 -2.93
N THR A 392 17.57 -9.53 -3.61
CA THR A 392 18.02 -8.30 -2.96
C THR A 392 16.83 -7.48 -2.46
N HIS A 393 15.76 -7.36 -3.24
N HIS A 393 15.79 -7.40 -3.28
CA HIS A 393 14.62 -6.65 -2.71
CA HIS A 393 14.54 -6.72 -2.94
C HIS A 393 14.00 -7.42 -1.58
C HIS A 393 13.85 -7.41 -1.77
N LEU A 394 13.93 -8.74 -1.74
CA LEU A 394 13.26 -9.53 -0.73
C LEU A 394 14.02 -9.42 0.62
N ARG A 395 15.35 -9.45 0.56
CA ARG A 395 16.17 -9.34 1.75
C ARG A 395 15.91 -7.98 2.44
N ASP A 396 16.03 -6.89 1.71
CA ASP A 396 15.72 -5.56 2.24
C ASP A 396 14.26 -5.37 2.66
N ALA A 397 13.35 -6.16 2.11
CA ALA A 397 11.95 -6.03 2.49
C ALA A 397 11.73 -6.68 3.85
N MET A 398 12.42 -7.79 4.07
CA MET A 398 12.35 -8.51 5.33
C MET A 398 12.80 -7.56 6.46
N SER A 399 13.93 -6.90 6.23
CA SER A 399 14.50 -5.99 7.21
C SER A 399 13.49 -4.90 7.50
N ALA A 400 12.81 -4.43 6.46
CA ALA A 400 11.90 -3.30 6.59
C ALA A 400 10.61 -3.70 7.27
N VAL A 401 10.17 -4.93 7.07
CA VAL A 401 8.97 -5.46 7.73
C VAL A 401 9.20 -5.46 9.24
N VAL A 402 10.32 -6.05 9.65
CA VAL A 402 10.69 -6.13 11.05
C VAL A 402 10.90 -4.76 11.68
N GLY A 403 11.57 -3.88 10.95
CA GLY A 403 11.91 -2.57 11.45
C GLY A 403 10.69 -1.66 11.58
N ASP A 404 9.79 -1.76 10.60
CA ASP A 404 8.61 -0.90 10.57
C ASP A 404 7.62 -1.31 11.64
N HIS A 405 7.44 -2.62 11.78
CA HIS A 405 6.42 -3.16 12.68
C HIS A 405 6.85 -2.89 14.13
N ASN A 406 8.13 -3.06 14.37
CA ASN A 406 8.65 -2.98 15.73
C ASN A 406 9.07 -1.59 16.21
N VAL A 407 9.53 -0.73 15.30
CA VAL A 407 10.10 0.55 15.72
C VAL A 407 9.54 1.77 15.01
N VAL A 408 9.82 1.86 13.71
CA VAL A 408 9.46 3.04 12.90
C VAL A 408 7.96 3.42 12.96
N CYS A 409 7.09 2.42 12.92
CA CYS A 409 5.65 2.70 12.98
C CYS A 409 5.09 2.92 14.39
N PRO A 410 5.64 2.22 15.40
CA PRO A 410 5.32 2.67 16.76
C PRO A 410 5.82 4.08 17.08
N VAL A 411 7.00 4.44 16.58
CA VAL A 411 7.53 5.78 16.79
C VAL A 411 6.67 6.84 16.09
N ALA A 412 6.22 6.50 14.88
CA ALA A 412 5.36 7.37 14.10
C ALA A 412 4.03 7.58 14.82
N GLN A 413 3.47 6.49 15.34
CA GLN A 413 2.22 6.57 16.10
C GLN A 413 2.41 7.43 17.35
N LEU A 414 3.48 7.15 18.10
CA LEU A 414 3.83 7.96 19.26
C LEU A 414 3.92 9.45 18.91
N ALA A 415 4.77 9.79 17.96
CA ALA A 415 4.99 11.19 17.58
C ALA A 415 3.68 11.84 17.12
N GLY A 416 2.87 11.05 16.43
CA GLY A 416 1.60 11.52 15.91
C GLY A 416 0.59 11.81 16.99
N ARG A 417 0.52 10.93 17.99
CA ARG A 417 -0.41 11.12 19.10
C ARG A 417 0.05 12.25 20.01
N LEU A 418 1.31 12.21 20.43
CA LEU A 418 1.85 13.24 21.32
C LEU A 418 1.69 14.64 20.72
N ALA A 419 2.05 14.80 19.45
CA ALA A 419 1.97 16.10 18.80
C ALA A 419 0.53 16.60 18.79
N ALA A 420 -0.40 15.72 18.45
CA ALA A 420 -1.81 16.11 18.36
C ALA A 420 -2.36 16.46 19.73
N GLN A 421 -1.73 15.94 20.77
CA GLN A 421 -2.24 16.11 22.12
C GLN A 421 -1.41 17.06 22.98
N GLY A 422 -0.80 18.05 22.34
CA GLY A 422 -0.19 19.16 23.06
C GLY A 422 1.32 19.19 23.19
N ALA A 423 1.95 18.04 23.03
CA ALA A 423 3.39 17.93 23.23
C ALA A 423 4.21 18.64 22.16
N ARG A 424 5.39 19.10 22.54
CA ARG A 424 6.34 19.59 21.56
C ARG A 424 7.23 18.41 21.16
N VAL A 425 7.14 18.01 19.89
CA VAL A 425 7.82 16.82 19.43
C VAL A 425 8.85 17.16 18.36
N TYR A 426 10.04 16.58 18.47
CA TYR A 426 11.07 16.74 17.44
C TYR A 426 11.45 15.38 16.95
N ALA A 427 11.50 15.20 15.64
CA ALA A 427 11.68 13.86 15.08
C ALA A 427 12.88 13.84 14.14
N TYR A 428 13.58 12.70 14.10
CA TYR A 428 14.74 12.55 13.23
C TYR A 428 14.83 11.14 12.66
N ILE A 429 15.55 11.01 11.55
CA ILE A 429 16.02 9.70 11.13
C ILE A 429 17.54 9.73 11.03
N PHE A 430 18.19 8.75 11.66
CA PHE A 430 19.66 8.74 11.68
C PHE A 430 20.21 7.90 10.53
N GLU A 431 20.88 8.54 9.58
CA GLU A 431 21.23 7.86 8.34
C GLU A 431 22.72 7.59 8.09
N HIS A 432 23.58 7.88 9.06
CA HIS A 432 25.00 7.69 8.81
C HIS A 432 25.55 6.37 9.32
N ARG A 433 26.16 5.61 8.41
CA ARG A 433 26.80 4.35 8.76
C ARG A 433 28.24 4.55 9.21
N ALA A 434 28.55 4.18 10.45
CA ALA A 434 29.88 4.39 11.01
C ALA A 434 30.97 3.75 10.16
N SER A 435 32.04 4.49 9.92
CA SER A 435 33.16 3.98 9.15
C SER A 435 33.79 2.77 9.83
N THR A 436 33.60 2.69 11.15
CA THR A 436 34.17 1.64 11.97
C THR A 436 33.24 0.44 12.21
N LEU A 437 32.09 0.42 11.53
CA LEU A 437 31.09 -0.62 11.79
C LEU A 437 31.58 -2.00 11.33
N THR A 438 31.39 -3.01 12.17
CA THR A 438 31.87 -4.36 11.83
C THR A 438 30.82 -5.27 11.18
N TRP A 439 29.55 -4.88 11.26
CA TRP A 439 28.49 -5.62 10.58
C TRP A 439 28.59 -5.44 9.06
N PRO A 440 28.04 -6.40 8.30
CA PRO A 440 28.16 -6.31 6.84
C PRO A 440 27.40 -5.11 6.26
N LEU A 441 27.70 -4.76 5.02
CA LEU A 441 27.12 -3.57 4.41
C LEU A 441 25.62 -3.71 4.27
N TRP A 442 25.16 -4.90 3.94
CA TRP A 442 23.74 -5.11 3.66
C TRP A 442 22.86 -4.65 4.83
N MET A 443 23.41 -4.69 6.05
CA MET A 443 22.64 -4.32 7.23
C MET A 443 22.42 -2.81 7.38
N GLY A 444 23.05 -2.03 6.50
CA GLY A 444 22.87 -0.60 6.49
C GLY A 444 23.27 0.07 7.80
N VAL A 445 22.38 0.89 8.34
CA VAL A 445 22.60 1.54 9.62
C VAL A 445 21.72 0.85 10.67
N PRO A 446 22.29 -0.14 11.36
CA PRO A 446 21.46 -1.01 12.20
C PRO A 446 21.01 -0.34 13.50
N HIS A 447 20.01 -0.99 14.10
CA HIS A 447 19.50 -0.67 15.41
C HIS A 447 20.64 -0.48 16.43
N GLY A 448 20.73 0.72 17.00
CA GLY A 448 21.64 0.96 18.10
C GLY A 448 22.97 1.60 17.72
N TYR A 449 23.14 1.91 16.44
CA TYR A 449 24.42 2.47 16.01
C TYR A 449 24.44 3.99 15.85
N GLU A 450 23.43 4.65 16.41
CA GLU A 450 23.50 6.10 16.57
C GLU A 450 24.10 6.43 17.92
N ILE A 451 24.01 5.49 18.85
CA ILE A 451 24.41 5.71 20.23
C ILE A 451 25.84 6.23 20.39
N GLU A 452 26.80 5.55 19.75
CA GLU A 452 28.22 5.92 19.88
C GLU A 452 28.48 7.36 19.43
N PHE A 453 27.63 7.87 18.55
CA PHE A 453 27.77 9.24 18.06
C PHE A 453 27.17 10.26 19.02
N ILE A 454 26.05 9.92 19.64
CA ILE A 454 25.40 10.78 20.61
C ILE A 454 26.30 10.97 21.83
N PHE A 455 27.02 9.91 22.21
CA PHE A 455 27.90 9.96 23.38
C PHE A 455 29.28 10.52 23.04
N GLY A 456 29.55 10.69 21.76
CA GLY A 456 30.76 11.38 21.35
C GLY A 456 32.00 10.51 21.30
N LEU A 457 31.82 9.20 21.21
CA LEU A 457 32.97 8.30 21.04
C LEU A 457 33.93 8.65 19.90
N PRO A 458 33.43 9.19 18.77
CA PRO A 458 34.40 9.54 17.73
C PRO A 458 35.46 10.54 18.16
N LEU A 459 35.19 11.35 19.19
CA LEU A 459 36.18 12.29 19.74
C LEU A 459 37.40 11.58 20.31
N ASP A 460 37.24 10.30 20.63
CA ASP A 460 38.35 9.49 21.11
C ASP A 460 39.26 9.15 19.93
N PRO A 461 40.48 9.68 19.95
CA PRO A 461 41.46 9.54 18.88
C PRO A 461 41.79 8.08 18.57
N SER A 462 41.97 7.29 19.62
CA SER A 462 42.36 5.90 19.45
C SER A 462 41.31 5.03 18.75
N LEU A 463 40.10 5.57 18.54
CA LEU A 463 39.00 4.79 17.96
C LEU A 463 38.95 4.81 16.43
N ASN A 464 39.81 5.60 15.80
CA ASN A 464 39.96 5.53 14.34
C ASN A 464 38.74 5.98 13.49
N TYR A 465 37.83 6.75 14.07
CA TYR A 465 36.79 7.41 13.29
C TYR A 465 37.39 8.47 12.36
N THR A 466 36.59 9.03 11.46
CA THR A 466 37.05 10.10 10.57
C THR A 466 36.90 11.50 11.18
N THR A 467 37.54 12.48 10.56
CA THR A 467 37.38 13.87 10.98
C THR A 467 35.93 14.34 10.82
N GLU A 468 35.28 13.91 9.74
CA GLU A 468 33.87 14.23 9.52
C GLU A 468 32.98 13.56 10.56
N GLU A 469 33.35 12.34 10.95
CA GLU A 469 32.60 11.66 12.00
C GLU A 469 32.77 12.35 13.35
N ARG A 470 33.95 12.93 13.58
CA ARG A 470 34.21 13.68 14.81
C ARG A 470 33.33 14.92 14.87
N ILE A 471 33.29 15.66 13.77
CA ILE A 471 32.51 16.89 13.68
C ILE A 471 31.00 16.60 13.75
N PHE A 472 30.59 15.57 13.04
CA PHE A 472 29.22 15.10 13.09
C PHE A 472 28.82 14.72 14.51
N ALA A 473 29.67 13.95 15.18
CA ALA A 473 29.41 13.56 16.57
C ALA A 473 29.16 14.79 17.45
N GLN A 474 29.97 15.82 17.24
CA GLN A 474 29.84 17.08 18.00
C GLN A 474 28.52 17.79 17.74
N ARG A 475 28.08 17.79 16.49
CA ARG A 475 26.79 18.36 16.14
C ARG A 475 25.68 17.64 16.90
N LEU A 476 25.74 16.32 16.93
CA LEU A 476 24.72 15.54 17.63
C LEU A 476 24.69 15.82 19.14
N MET A 477 25.87 15.89 19.76
CA MET A 477 25.94 16.19 21.19
C MET A 477 25.34 17.55 21.47
N LYS A 478 25.49 18.49 20.55
CA LYS A 478 24.88 19.79 20.73
C LYS A 478 23.36 19.74 20.63
N TYR A 479 22.84 18.97 19.68
CA TYR A 479 21.39 18.84 19.52
C TYR A 479 20.78 18.28 20.80
N TRP A 480 21.36 17.20 21.28
CA TRP A 480 20.83 16.53 22.48
C TRP A 480 20.96 17.42 23.71
N THR A 481 22.13 18.02 23.89
CA THR A 481 22.35 18.88 25.04
C THR A 481 21.53 20.17 24.97
N ASN A 482 21.42 20.74 23.77
CA ASN A 482 20.58 21.93 23.61
C ASN A 482 19.14 21.60 23.93
N PHE A 483 18.72 20.40 23.55
CA PHE A 483 17.36 19.96 23.83
C PHE A 483 17.17 19.77 25.33
N ALA A 484 18.15 19.14 25.97
CA ALA A 484 18.15 18.99 27.44
C ALA A 484 18.01 20.33 28.13
N ARG A 485 18.79 21.32 27.68
CA ARG A 485 18.80 22.63 28.34
C ARG A 485 17.53 23.42 28.16
N THR A 486 16.93 23.34 26.97
CA THR A 486 15.89 24.29 26.58
C THR A 486 14.57 23.65 26.16
N GLY A 487 14.63 22.40 25.74
CA GLY A 487 13.46 21.74 25.17
C GLY A 487 13.45 21.94 23.67
N ASP A 488 14.58 22.40 23.14
CA ASP A 488 14.73 22.78 21.74
C ASP A 488 16.13 22.40 21.25
N PRO A 489 16.23 21.54 20.22
CA PRO A 489 17.53 21.03 19.79
C PRO A 489 18.36 22.07 19.02
N ASN A 490 17.73 23.16 18.61
CA ASN A 490 18.44 24.19 17.85
C ASN A 490 19.34 25.07 18.69
N ASP A 491 20.49 25.45 18.12
CA ASP A 491 21.37 26.39 18.79
C ASP A 491 20.75 27.79 18.70
N PRO A 492 20.61 28.46 19.84
CA PRO A 492 19.99 29.80 19.91
C PRO A 492 20.71 30.79 19.01
N ARG A 493 22.04 30.87 19.14
CA ARG A 493 22.83 31.78 18.32
C ARG A 493 22.78 31.36 16.86
N ASP A 494 23.11 30.10 16.60
CA ASP A 494 23.24 29.59 15.26
C ASP A 494 21.89 29.47 14.53
N SER A 495 21.47 30.58 13.92
CA SER A 495 20.23 30.60 13.14
C SER A 495 20.52 30.50 11.66
N LYS A 496 21.75 30.86 11.27
CA LYS A 496 22.20 30.74 9.88
C LYS A 496 22.20 29.28 9.42
N SER A 497 22.63 28.40 10.32
CA SER A 497 22.58 26.96 10.09
C SER A 497 21.12 26.54 9.98
N PRO A 498 20.83 25.53 9.14
CA PRO A 498 19.46 25.07 8.92
C PRO A 498 18.76 24.68 10.23
N GLN A 499 17.50 25.08 10.36
CA GLN A 499 16.70 24.86 11.57
C GLN A 499 16.00 23.49 11.59
N TRP A 500 15.82 22.96 12.79
CA TRP A 500 15.10 21.71 13.02
C TRP A 500 13.70 22.05 13.52
N PRO A 501 12.68 21.88 12.66
CA PRO A 501 11.31 22.25 13.00
C PRO A 501 10.65 21.18 13.86
N PRO A 502 9.69 21.57 14.70
CA PRO A 502 8.91 20.60 15.49
C PRO A 502 8.12 19.69 14.56
N TYR A 503 7.86 18.46 14.99
CA TYR A 503 6.97 17.56 14.24
C TYR A 503 5.53 17.91 14.56
N THR A 504 4.72 18.14 13.52
CA THR A 504 3.30 18.38 13.73
C THR A 504 2.42 17.42 12.93
N THR A 505 1.16 17.34 13.31
CA THR A 505 0.23 16.50 12.57
C THR A 505 0.01 17.08 11.18
N ALA A 506 -0.04 18.40 11.08
CA ALA A 506 -0.34 19.06 9.82
C ALA A 506 0.79 18.92 8.81
N ALA A 507 2.04 19.05 9.26
CA ALA A 507 3.16 19.07 8.33
C ALA A 507 4.07 17.84 8.43
N GLN A 508 4.00 17.13 9.54
CA GLN A 508 4.68 15.85 9.69
C GLN A 508 6.20 15.93 9.39
N GLN A 509 6.78 17.08 9.72
CA GLN A 509 8.19 17.32 9.47
C GLN A 509 9.14 16.59 10.41
N TYR A 510 10.22 16.05 9.84
CA TYR A 510 11.33 15.53 10.61
C TYR A 510 12.64 15.87 9.90
N VAL A 511 13.79 15.68 10.55
CA VAL A 511 15.08 15.93 9.90
C VAL A 511 15.89 14.66 9.67
N SER A 512 16.73 14.68 8.64
CA SER A 512 17.72 13.63 8.47
C SER A 512 18.98 14.00 9.23
N LEU A 513 19.51 13.06 10.00
CA LEU A 513 20.80 13.24 10.65
C LEU A 513 21.92 12.44 9.95
N ASN A 514 22.71 13.12 9.13
CA ASN A 514 23.91 12.53 8.51
C ASN A 514 25.06 13.52 8.39
N LEU A 515 26.13 13.12 7.71
CA LEU A 515 27.31 13.96 7.53
C LEU A 515 27.00 15.31 6.86
N LYS A 516 25.84 15.40 6.22
CA LYS A 516 25.41 16.64 5.57
C LYS A 516 24.56 17.51 6.49
N PRO A 517 24.45 18.81 6.19
CA PRO A 517 23.61 19.66 7.03
C PRO A 517 22.16 19.16 7.09
N LEU A 518 21.50 19.43 8.21
CA LEU A 518 20.09 19.09 8.44
C LEU A 518 19.19 19.29 7.22
N GLU A 519 18.60 18.20 6.77
CA GLU A 519 17.61 18.26 5.69
C GLU A 519 16.24 17.95 6.28
N VAL A 520 15.27 18.82 6.03
CA VAL A 520 13.91 18.61 6.52
C VAL A 520 13.07 17.80 5.54
N ARG A 521 12.42 16.76 6.04
CA ARG A 521 11.57 15.90 5.23
C ARG A 521 10.16 15.87 5.80
N ARG A 522 9.20 15.41 5.00
CA ARG A 522 7.82 15.33 5.46
C ARG A 522 7.30 13.88 5.44
N GLY A 523 6.61 13.50 6.49
CA GLY A 523 5.99 12.19 6.55
C GLY A 523 6.92 11.09 6.97
N LEU A 524 6.61 10.48 8.10
CA LEU A 524 7.42 9.43 8.67
C LEU A 524 6.90 8.07 8.21
N ARG A 525 7.47 7.53 7.14
CA ARG A 525 6.91 6.35 6.45
C ARG A 525 5.39 6.42 6.41
N ALA A 526 4.87 7.54 5.94
CA ALA A 526 3.47 7.88 6.15
C ALA A 526 2.52 6.79 5.61
N GLN A 527 2.73 6.37 4.36
CA GLN A 527 1.84 5.38 3.75
C GLN A 527 1.94 4.00 4.40
N THR A 528 3.15 3.45 4.50
CA THR A 528 3.34 2.14 5.12
C THR A 528 2.82 2.11 6.57
N CYS A 529 3.03 3.20 7.31
CA CYS A 529 2.59 3.21 8.73
C CYS A 529 1.07 3.32 8.87
N ALA A 530 0.41 3.86 7.85
CA ALA A 530 -1.04 3.79 7.79
C ALA A 530 -1.50 2.34 7.76
N PHE A 531 -0.74 1.49 7.07
CA PHE A 531 -1.02 0.05 7.04
C PHE A 531 -0.94 -0.61 8.42
N TRP A 532 0.19 -0.42 9.10
CA TRP A 532 0.40 -1.03 10.41
C TRP A 532 -0.44 -0.38 11.48
N ASN A 533 -0.53 0.94 11.45
CA ASN A 533 -1.17 1.65 12.54
C ASN A 533 -2.68 1.79 12.41
N ARG A 534 -3.19 1.84 11.19
CA ARG A 534 -4.62 2.04 11.01
C ARG A 534 -5.35 0.78 10.53
N PHE A 535 -4.77 0.09 9.56
CA PHE A 535 -5.43 -1.05 8.95
C PHE A 535 -5.27 -2.38 9.68
N LEU A 536 -4.05 -2.78 10.02
CA LEU A 536 -3.86 -4.07 10.69
C LEU A 536 -4.73 -4.33 11.93
N PRO A 537 -4.80 -3.36 12.86
CA PRO A 537 -5.65 -3.59 14.04
C PRO A 537 -7.13 -3.83 13.69
N LYS A 538 -7.60 -3.28 12.57
CA LYS A 538 -8.96 -3.58 12.09
C LYS A 538 -9.04 -5.03 11.60
N LEU A 539 -8.01 -5.44 10.89
CA LEU A 539 -7.95 -6.77 10.28
C LEU A 539 -7.78 -7.85 11.32
N LEU A 540 -6.81 -7.66 12.21
CA LEU A 540 -6.52 -8.62 13.26
C LEU A 540 -7.76 -8.90 14.12
N SER A 541 -8.52 -7.85 14.44
CA SER A 541 -9.77 -8.03 15.17
C SER A 541 -10.94 -8.45 14.26
N ALA A 542 -10.70 -9.50 13.47
CA ALA A 542 -11.70 -10.11 12.61
C ALA A 542 -11.18 -11.45 12.07
N GLU B 4 -25.45 4.86 -62.30
CA GLU B 4 -25.25 3.70 -61.45
C GLU B 4 -23.78 3.33 -61.32
N ASP B 5 -23.16 3.72 -60.20
CA ASP B 5 -21.74 3.47 -59.95
C ASP B 5 -21.49 2.01 -59.57
N PRO B 6 -20.78 1.26 -60.42
CA PRO B 6 -20.51 -0.16 -60.18
C PRO B 6 -19.64 -0.43 -58.94
N GLN B 7 -18.92 0.57 -58.47
CA GLN B 7 -18.19 0.43 -57.21
C GLN B 7 -19.15 0.39 -56.03
N LEU B 8 -20.36 0.90 -56.22
CA LEU B 8 -21.32 0.94 -55.14
C LEU B 8 -22.26 -0.24 -55.17
N LEU B 9 -22.05 -1.13 -56.15
CA LEU B 9 -22.93 -2.27 -56.33
C LEU B 9 -22.27 -3.58 -55.89
N VAL B 10 -22.81 -4.18 -54.83
CA VAL B 10 -22.21 -5.40 -54.29
C VAL B 10 -23.23 -6.52 -54.10
N ARG B 11 -22.82 -7.73 -54.47
CA ARG B 11 -23.61 -8.93 -54.27
C ARG B 11 -23.07 -9.80 -53.11
N VAL B 12 -23.81 -9.81 -52.00
CA VAL B 12 -23.56 -10.72 -50.90
C VAL B 12 -24.57 -11.87 -50.99
N ARG B 13 -24.41 -12.88 -50.13
CA ARG B 13 -25.23 -14.10 -50.19
C ARG B 13 -26.73 -13.89 -50.03
N GLY B 14 -27.14 -12.71 -49.61
CA GLY B 14 -28.53 -12.46 -49.31
C GLY B 14 -29.22 -11.73 -50.45
N GLY B 15 -28.43 -11.21 -51.37
CA GLY B 15 -28.97 -10.43 -52.47
C GLY B 15 -28.03 -9.28 -52.83
N GLN B 16 -28.54 -8.36 -53.63
CA GLN B 16 -27.75 -7.22 -54.05
C GLN B 16 -27.89 -6.01 -53.13
N LEU B 17 -26.83 -5.23 -53.05
CA LEU B 17 -26.77 -4.07 -52.16
C LEU B 17 -26.27 -2.90 -52.95
N ARG B 18 -26.79 -1.70 -52.65
CA ARG B 18 -26.24 -0.47 -53.20
C ARG B 18 -25.67 0.39 -52.07
N GLY B 19 -24.39 0.70 -52.16
CA GLY B 19 -23.76 1.56 -51.17
C GLY B 19 -23.70 3.00 -51.63
N ILE B 20 -23.06 3.84 -50.82
CA ILE B 20 -22.94 5.25 -51.13
C ILE B 20 -21.47 5.67 -51.10
N ARG B 21 -21.11 6.59 -51.99
CA ARG B 21 -19.74 7.11 -52.06
C ARG B 21 -19.64 8.33 -51.17
N LEU B 22 -18.82 8.21 -50.13
CA LEU B 22 -18.67 9.26 -49.15
C LEU B 22 -17.36 9.97 -49.34
N LYS B 23 -17.33 11.24 -48.95
CA LYS B 23 -16.13 12.06 -49.08
C LYS B 23 -15.35 12.06 -47.77
N ALA B 24 -14.11 11.57 -47.84
CA ALA B 24 -13.15 11.72 -46.74
C ALA B 24 -12.14 12.78 -47.16
N PRO B 25 -11.48 13.43 -46.19
CA PRO B 25 -10.57 14.54 -46.52
C PRO B 25 -9.60 14.23 -47.65
N GLY B 26 -9.07 13.00 -47.68
CA GLY B 26 -8.06 12.63 -48.66
C GLY B 26 -8.61 11.98 -49.91
N GLY B 27 -9.91 11.72 -49.94
CA GLY B 27 -10.53 11.09 -51.09
C GLY B 27 -11.87 10.42 -50.79
N PRO B 28 -12.48 9.81 -51.81
CA PRO B 28 -13.76 9.14 -51.61
C PRO B 28 -13.58 7.79 -50.93
N VAL B 29 -14.65 7.29 -50.31
CA VAL B 29 -14.66 5.93 -49.78
C VAL B 29 -16.01 5.34 -50.09
N SER B 30 -16.06 4.01 -50.27
CA SER B 30 -17.31 3.29 -50.48
C SER B 30 -17.93 2.92 -49.13
N ALA B 31 -19.15 3.38 -48.88
CA ALA B 31 -19.83 3.03 -47.64
C ALA B 31 -21.11 2.24 -47.88
N PHE B 32 -21.33 1.21 -47.06
CA PHE B 32 -22.49 0.35 -47.14
C PHE B 32 -23.12 0.28 -45.76
N LEU B 33 -24.20 1.04 -45.59
CA LEU B 33 -24.78 1.28 -44.29
C LEU B 33 -26.17 0.70 -44.17
N GLY B 34 -26.43 -0.03 -43.09
CA GLY B 34 -27.76 -0.56 -42.84
C GLY B 34 -28.00 -1.96 -43.36
N ILE B 35 -26.93 -2.72 -43.55
CA ILE B 35 -27.05 -4.08 -44.09
C ILE B 35 -27.59 -5.02 -43.03
N PRO B 36 -28.75 -5.65 -43.30
CA PRO B 36 -29.33 -6.58 -42.33
C PRO B 36 -28.56 -7.89 -42.28
N PHE B 37 -28.27 -8.38 -41.09
CA PHE B 37 -27.59 -9.65 -40.92
C PHE B 37 -28.43 -10.64 -40.13
N ALA B 38 -29.59 -10.18 -39.67
CA ALA B 38 -30.49 -11.04 -38.93
C ALA B 38 -31.94 -10.69 -39.21
N GLU B 39 -32.81 -11.67 -39.00
CA GLU B 39 -34.24 -11.42 -38.91
C GLU B 39 -34.51 -10.54 -37.72
N PRO B 40 -35.25 -9.43 -37.93
CA PRO B 40 -35.72 -8.52 -36.88
C PRO B 40 -36.19 -9.25 -35.64
N PRO B 41 -35.47 -9.11 -34.52
CA PRO B 41 -35.69 -9.84 -33.26
C PRO B 41 -36.90 -9.29 -32.50
N VAL B 42 -38.00 -9.09 -33.19
CA VAL B 42 -39.21 -8.51 -32.64
C VAL B 42 -40.30 -9.56 -32.36
N GLY B 43 -41.34 -9.13 -31.64
CA GLY B 43 -42.41 -10.03 -31.26
C GLY B 43 -41.96 -11.20 -30.41
N SER B 44 -42.16 -12.40 -30.93
CA SER B 44 -41.85 -13.63 -30.21
C SER B 44 -40.35 -13.90 -30.25
N ARG B 45 -39.66 -13.14 -31.08
CA ARG B 45 -38.21 -13.26 -31.20
C ARG B 45 -37.46 -12.48 -30.10
N ARG B 46 -38.19 -11.67 -29.35
CA ARG B 46 -37.60 -10.88 -28.28
C ARG B 46 -36.99 -11.79 -27.23
N PHE B 47 -35.78 -11.43 -26.78
CA PHE B 47 -34.96 -12.21 -25.82
C PHE B 47 -34.40 -13.52 -26.40
N MET B 48 -34.55 -13.74 -27.70
CA MET B 48 -34.12 -15.01 -28.25
C MET B 48 -32.92 -14.87 -29.17
N PRO B 49 -32.18 -15.98 -29.39
CA PRO B 49 -31.03 -15.93 -30.29
C PRO B 49 -31.42 -15.38 -31.64
N PRO B 50 -30.54 -14.63 -32.29
CA PRO B 50 -30.83 -14.10 -33.61
C PRO B 50 -30.88 -15.20 -34.66
N GLU B 51 -31.64 -15.00 -35.74
CA GLU B 51 -31.65 -15.93 -36.86
C GLU B 51 -31.15 -15.18 -38.08
N PRO B 52 -30.40 -15.87 -38.96
CA PRO B 52 -29.86 -15.26 -40.18
C PRO B 52 -30.94 -14.62 -41.07
N LYS B 53 -30.57 -13.50 -41.70
CA LYS B 53 -31.47 -12.74 -42.57
C LYS B 53 -31.87 -13.52 -43.82
N ARG B 54 -33.17 -13.57 -44.09
CA ARG B 54 -33.68 -14.18 -45.30
C ARG B 54 -33.18 -13.38 -46.51
N PRO B 55 -32.83 -14.09 -47.60
CA PRO B 55 -32.55 -13.45 -48.89
C PRO B 55 -33.62 -12.42 -49.26
N TRP B 56 -33.23 -11.42 -50.07
CA TRP B 56 -34.16 -10.38 -50.50
C TRP B 56 -34.12 -10.22 -52.00
N SER B 57 -35.14 -9.57 -52.54
CA SER B 57 -35.22 -9.34 -53.98
C SER B 57 -34.63 -7.98 -54.35
N GLY B 58 -34.31 -7.81 -55.62
CA GLY B 58 -33.80 -6.55 -56.12
C GLY B 58 -32.56 -6.01 -55.43
N VAL B 59 -32.40 -4.69 -55.46
CA VAL B 59 -31.23 -4.05 -54.88
C VAL B 59 -31.58 -3.33 -53.58
N LEU B 60 -30.99 -3.81 -52.48
CA LEU B 60 -31.25 -3.22 -51.18
C LEU B 60 -30.46 -1.93 -51.01
N ASP B 61 -31.15 -0.87 -50.62
CA ASP B 61 -30.54 0.42 -50.43
C ASP B 61 -29.75 0.46 -49.11
N ALA B 62 -28.42 0.45 -49.21
CA ALA B 62 -27.53 0.47 -48.05
C ALA B 62 -26.70 1.75 -48.03
N THR B 63 -27.38 2.89 -48.07
CA THR B 63 -26.72 4.18 -48.17
C THR B 63 -26.97 5.01 -46.92
N THR B 64 -27.61 4.39 -45.93
CA THR B 64 -28.20 5.11 -44.82
C THR B 64 -27.95 4.33 -43.53
N PHE B 65 -27.76 5.02 -42.40
CA PHE B 65 -27.65 4.30 -41.13
C PHE B 65 -29.01 3.80 -40.70
N GLN B 66 -29.04 2.58 -40.19
CA GLN B 66 -30.29 1.99 -39.72
C GLN B 66 -30.58 2.38 -38.28
N ASN B 67 -31.71 1.91 -37.77
CA ASN B 67 -32.14 2.24 -36.41
C ASN B 67 -31.21 1.75 -35.33
N VAL B 68 -31.21 2.46 -34.21
CA VAL B 68 -30.46 2.10 -33.02
C VAL B 68 -31.28 1.12 -32.20
N CYS B 69 -30.62 0.08 -31.67
CA CYS B 69 -31.29 -0.89 -30.80
C CYS B 69 -31.96 -0.18 -29.65
N TYR B 70 -33.16 -0.62 -29.29
CA TYR B 70 -33.89 0.08 -28.24
C TYR B 70 -33.08 0.09 -26.95
N GLN B 71 -32.99 1.27 -26.35
CA GLN B 71 -32.12 1.51 -25.21
C GLN B 71 -32.49 2.77 -24.43
N TYR B 72 -32.03 2.81 -23.18
CA TYR B 72 -32.11 3.98 -22.33
C TYR B 72 -31.35 5.16 -22.94
N VAL B 73 -31.96 6.34 -22.93
CA VAL B 73 -31.34 7.57 -23.42
C VAL B 73 -30.96 8.49 -22.25
N ASP B 74 -29.67 8.81 -22.12
CA ASP B 74 -29.19 9.58 -20.96
C ASP B 74 -29.77 10.99 -20.82
N THR B 75 -29.95 11.44 -19.57
CA THR B 75 -30.64 12.70 -19.28
C THR B 75 -29.95 13.59 -18.25
N LEU B 76 -28.76 13.20 -17.80
CA LEU B 76 -28.07 13.98 -16.77
C LEU B 76 -27.81 15.42 -17.21
N TYR B 77 -27.27 15.58 -18.41
CA TYR B 77 -26.98 16.92 -18.93
C TYR B 77 -27.62 17.09 -20.31
N PRO B 78 -28.89 17.53 -20.34
CA PRO B 78 -29.63 17.58 -21.61
C PRO B 78 -29.06 18.61 -22.61
N GLY B 79 -28.65 18.13 -23.78
CA GLY B 79 -28.11 19.02 -24.80
C GLY B 79 -26.63 19.34 -24.67
N PHE B 80 -25.96 18.74 -23.69
CA PHE B 80 -24.52 18.90 -23.52
C PHE B 80 -23.77 17.93 -24.44
N GLU B 81 -22.95 18.47 -25.32
CA GLU B 81 -22.23 17.68 -26.32
C GLU B 81 -21.37 16.56 -25.75
N GLY B 82 -20.95 16.68 -24.49
CA GLY B 82 -20.09 15.68 -23.89
C GLY B 82 -20.82 14.38 -23.58
N THR B 83 -22.13 14.49 -23.36
CA THR B 83 -22.96 13.32 -23.07
C THR B 83 -23.78 12.91 -24.30
N GLU B 84 -24.16 13.90 -25.09
CA GLU B 84 -25.03 13.69 -26.23
C GLU B 84 -24.32 12.91 -27.32
N MET B 85 -23.00 13.11 -27.41
CA MET B 85 -22.21 12.45 -28.43
C MET B 85 -22.29 10.93 -28.34
N TRP B 86 -22.80 10.45 -27.20
CA TRP B 86 -22.95 9.01 -26.93
C TRP B 86 -24.41 8.56 -27.06
N ASN B 87 -25.33 9.50 -27.11
CA ASN B 87 -26.75 9.17 -27.24
C ASN B 87 -27.09 8.74 -28.68
N PRO B 88 -28.13 7.91 -28.85
CA PRO B 88 -28.57 7.44 -30.16
C PRO B 88 -28.76 8.57 -31.16
N ASN B 89 -28.09 8.49 -32.30
CA ASN B 89 -28.25 9.51 -33.36
C ASN B 89 -29.21 9.08 -34.47
N ARG B 90 -29.95 8.00 -34.23
CA ARG B 90 -31.04 7.59 -35.12
C ARG B 90 -32.25 7.22 -34.30
N GLU B 91 -33.31 6.79 -34.98
CA GLU B 91 -34.51 6.33 -34.32
C GLU B 91 -34.26 5.02 -33.58
N LEU B 92 -34.89 4.88 -32.41
CA LEU B 92 -34.85 3.65 -31.65
C LEU B 92 -35.82 2.59 -32.18
N SER B 93 -35.33 1.36 -32.28
CA SER B 93 -36.20 0.25 -32.66
C SER B 93 -35.64 -1.08 -32.16
N GLU B 94 -36.52 -2.02 -31.84
CA GLU B 94 -36.08 -3.39 -31.55
C GLU B 94 -35.58 -4.02 -32.84
N ASP B 95 -36.06 -3.50 -33.95
CA ASP B 95 -35.62 -3.92 -35.26
C ASP B 95 -34.33 -3.18 -35.52
N CYS B 96 -33.20 -3.77 -35.17
CA CYS B 96 -31.95 -3.01 -35.23
C CYS B 96 -30.74 -3.81 -35.66
N LEU B 97 -30.94 -5.07 -36.02
CA LEU B 97 -29.80 -5.93 -36.32
C LEU B 97 -29.25 -5.68 -37.74
N TYR B 98 -28.45 -4.62 -37.85
CA TYR B 98 -27.85 -4.23 -39.12
C TYR B 98 -26.39 -3.90 -38.89
N LEU B 99 -25.56 -4.12 -39.90
CA LEU B 99 -24.17 -3.73 -39.81
C LEU B 99 -23.76 -2.72 -40.87
N ASN B 100 -22.56 -2.15 -40.72
CA ASN B 100 -22.05 -1.14 -41.63
C ASN B 100 -20.66 -1.54 -42.12
N VAL B 101 -20.37 -1.26 -43.38
CA VAL B 101 -19.07 -1.58 -43.94
C VAL B 101 -18.49 -0.39 -44.66
N TRP B 102 -17.25 -0.01 -44.31
CA TRP B 102 -16.52 0.97 -45.08
C TRP B 102 -15.34 0.30 -45.80
N THR B 103 -15.14 0.66 -47.06
CA THR B 103 -13.99 0.18 -47.83
C THR B 103 -13.43 1.36 -48.60
N PRO B 104 -12.20 1.24 -49.08
CA PRO B 104 -11.72 2.31 -49.96
C PRO B 104 -12.46 2.32 -51.30
N TYR B 105 -12.43 3.48 -51.95
CA TYR B 105 -12.99 3.68 -53.27
C TYR B 105 -11.83 4.08 -54.18
N PRO B 106 -11.53 3.25 -55.20
CA PRO B 106 -12.28 2.05 -55.59
C PRO B 106 -12.02 0.90 -54.64
N ARG B 107 -12.88 -0.11 -54.71
CA ARG B 107 -12.76 -1.33 -53.92
C ARG B 107 -11.34 -1.89 -54.00
N PRO B 108 -10.80 -2.40 -52.88
CA PRO B 108 -9.45 -2.97 -52.90
C PRO B 108 -9.30 -4.08 -53.93
N ALA B 109 -8.18 -4.07 -54.65
CA ALA B 109 -7.85 -5.14 -55.59
C ALA B 109 -7.46 -6.41 -54.84
N SER B 110 -6.44 -6.27 -53.99
CA SER B 110 -6.01 -7.35 -53.12
C SER B 110 -6.91 -7.46 -51.90
N PRO B 111 -7.11 -8.68 -51.39
CA PRO B 111 -7.81 -8.88 -50.13
C PRO B 111 -7.16 -8.07 -49.01
N THR B 112 -7.98 -7.37 -48.24
CA THR B 112 -7.52 -6.36 -47.31
C THR B 112 -7.92 -6.75 -45.89
N PRO B 113 -7.00 -6.56 -44.92
CA PRO B 113 -7.31 -6.83 -43.52
C PRO B 113 -8.60 -6.16 -43.06
N VAL B 114 -9.35 -6.86 -42.22
CA VAL B 114 -10.64 -6.37 -41.76
C VAL B 114 -10.60 -6.00 -40.29
N LEU B 115 -11.10 -4.81 -39.99
CA LEU B 115 -11.30 -4.41 -38.61
C LEU B 115 -12.79 -4.45 -38.30
N ILE B 116 -13.16 -5.09 -37.20
CA ILE B 116 -14.54 -5.10 -36.78
C ILE B 116 -14.67 -4.39 -35.43
N TRP B 117 -15.46 -3.33 -35.40
CA TRP B 117 -15.69 -2.54 -34.21
C TRP B 117 -16.96 -2.96 -33.47
N ILE B 118 -16.84 -3.10 -32.16
CA ILE B 118 -17.94 -3.41 -31.26
C ILE B 118 -18.06 -2.31 -30.21
N TYR B 119 -19.11 -1.48 -30.30
CA TYR B 119 -19.26 -0.35 -29.39
C TYR B 119 -19.45 -0.75 -27.92
N GLY B 120 -19.17 0.19 -27.02
CA GLY B 120 -19.49 0.04 -25.62
C GLY B 120 -20.77 0.76 -25.27
N GLY B 121 -21.04 0.92 -23.98
CA GLY B 121 -22.30 1.46 -23.52
C GLY B 121 -22.90 0.66 -22.37
N GLY B 122 -22.04 -0.06 -21.65
CA GLY B 122 -22.42 -0.82 -20.48
C GLY B 122 -23.38 -1.97 -20.77
N PHE B 123 -23.40 -2.43 -22.01
CA PHE B 123 -24.35 -3.43 -22.46
C PHE B 123 -25.80 -2.98 -22.29
N TYR B 124 -26.05 -1.67 -22.19
CA TYR B 124 -27.41 -1.15 -22.09
C TYR B 124 -27.65 -0.08 -23.16
N SER B 125 -26.59 0.27 -23.89
CA SER B 125 -26.66 1.36 -24.83
C SER B 125 -25.53 1.28 -25.83
N GLY B 126 -25.58 2.18 -26.82
CA GLY B 126 -24.57 2.28 -27.85
C GLY B 126 -25.19 2.09 -29.22
N ALA B 127 -24.49 2.56 -30.25
CA ALA B 127 -24.92 2.37 -31.65
C ALA B 127 -23.71 2.48 -32.57
N ALA B 128 -23.75 1.80 -33.72
CA ALA B 128 -22.63 1.85 -34.65
C ALA B 128 -22.66 3.12 -35.50
N SER B 129 -23.74 3.88 -35.38
CA SER B 129 -23.92 5.09 -36.19
C SER B 129 -23.34 6.37 -35.58
N LEU B 130 -22.83 6.27 -34.36
CA LEU B 130 -22.25 7.43 -33.66
C LEU B 130 -21.12 8.03 -34.48
N ASP B 131 -21.03 9.35 -34.45
CA ASP B 131 -20.05 10.08 -35.25
C ASP B 131 -18.59 9.66 -34.95
N VAL B 132 -18.29 9.24 -33.72
CA VAL B 132 -16.93 8.84 -33.39
C VAL B 132 -16.58 7.43 -33.85
N TYR B 133 -17.54 6.77 -34.50
CA TYR B 133 -17.33 5.40 -34.98
C TYR B 133 -17.23 5.40 -36.49
N ASP B 134 -17.17 6.59 -37.06
CA ASP B 134 -17.07 6.79 -38.49
C ASP B 134 -15.82 6.12 -39.05
N GLY B 135 -16.02 5.05 -39.82
CA GLY B 135 -14.93 4.28 -40.39
C GLY B 135 -14.29 4.84 -41.66
N ARG B 136 -14.76 5.97 -42.14
CA ARG B 136 -14.27 6.47 -43.43
C ARG B 136 -12.78 6.85 -43.40
N PHE B 137 -12.27 7.23 -42.22
CA PHE B 137 -10.91 7.74 -42.10
C PHE B 137 -9.91 6.61 -42.20
N LEU B 138 -10.18 5.55 -41.45
CA LEU B 138 -9.35 4.36 -41.51
C LEU B 138 -9.40 3.71 -42.89
N ALA B 139 -10.56 3.75 -43.54
CA ALA B 139 -10.71 3.18 -44.87
C ALA B 139 -9.96 4.00 -45.91
N GLN B 140 -10.11 5.32 -45.82
CA GLN B 140 -9.44 6.19 -46.77
C GLN B 140 -7.94 6.17 -46.60
N VAL B 141 -7.48 6.44 -45.37
CA VAL B 141 -6.07 6.71 -45.11
C VAL B 141 -5.23 5.44 -45.00
N GLU B 142 -5.75 4.44 -44.29
CA GLU B 142 -5.06 3.17 -44.11
C GLU B 142 -5.49 2.06 -45.08
N GLY B 143 -6.40 2.37 -45.99
CA GLY B 143 -6.91 1.40 -46.94
C GLY B 143 -7.55 0.19 -46.28
N ALA B 144 -8.07 0.38 -45.07
CA ALA B 144 -8.68 -0.72 -44.33
C ALA B 144 -10.10 -1.01 -44.78
N VAL B 145 -10.57 -2.23 -44.53
CA VAL B 145 -11.98 -2.52 -44.60
C VAL B 145 -12.51 -2.59 -43.16
N LEU B 146 -13.44 -1.70 -42.85
CA LEU B 146 -13.95 -1.56 -41.49
C LEU B 146 -15.44 -1.89 -41.36
N VAL B 147 -15.75 -2.75 -40.39
CA VAL B 147 -17.11 -3.21 -40.16
C VAL B 147 -17.59 -2.85 -38.75
N SER B 148 -18.84 -2.41 -38.61
CA SER B 148 -19.46 -2.28 -37.29
C SER B 148 -20.92 -2.72 -37.31
N MET B 149 -21.35 -3.38 -36.24
CA MET B 149 -22.72 -3.89 -36.11
C MET B 149 -23.47 -3.29 -34.94
N ASN B 150 -24.79 -3.27 -35.03
CA ASN B 150 -25.59 -3.02 -33.84
C ASN B 150 -25.85 -4.38 -33.20
N TYR B 151 -25.89 -4.41 -31.87
CA TYR B 151 -26.29 -5.63 -31.18
C TYR B 151 -27.25 -5.23 -30.07
N ARG B 152 -28.13 -6.13 -29.66
CA ARG B 152 -29.17 -5.75 -28.70
C ARG B 152 -28.56 -5.47 -27.32
N VAL B 153 -28.98 -4.36 -26.73
CA VAL B 153 -28.50 -3.98 -25.43
C VAL B 153 -29.64 -4.02 -24.42
N GLY B 154 -29.29 -3.93 -23.13
CA GLY B 154 -30.28 -3.85 -22.07
C GLY B 154 -31.06 -5.15 -21.91
N THR B 155 -32.30 -5.02 -21.47
CA THR B 155 -33.18 -6.17 -21.33
C THR B 155 -33.23 -7.00 -22.63
N PHE B 156 -33.24 -6.32 -23.78
CA PHE B 156 -33.47 -7.01 -25.06
C PHE B 156 -32.30 -7.90 -25.48
N GLY B 157 -31.09 -7.52 -25.08
CA GLY B 157 -29.94 -8.32 -25.43
C GLY B 157 -29.42 -9.23 -24.34
N PHE B 158 -29.75 -8.92 -23.08
CA PHE B 158 -29.09 -9.63 -21.98
C PHE B 158 -29.97 -10.10 -20.83
N LEU B 159 -31.27 -9.81 -20.86
CA LEU B 159 -32.19 -10.40 -19.89
C LEU B 159 -32.21 -11.92 -20.04
N ALA B 160 -32.14 -12.62 -18.92
CA ALA B 160 -31.95 -14.07 -18.94
C ALA B 160 -32.68 -14.74 -17.79
N LEU B 161 -33.39 -15.81 -18.14
CA LEU B 161 -33.85 -16.79 -17.18
C LEU B 161 -33.04 -18.03 -17.51
N PRO B 162 -31.84 -18.13 -16.90
CA PRO B 162 -30.85 -19.13 -17.30
C PRO B 162 -31.44 -20.51 -17.24
N GLY B 163 -31.29 -21.25 -18.34
CA GLY B 163 -31.81 -22.60 -18.43
C GLY B 163 -33.14 -22.70 -19.14
N SER B 164 -33.78 -21.56 -19.38
CA SER B 164 -35.03 -21.54 -20.12
C SER B 164 -34.69 -21.50 -21.60
N ARG B 165 -35.65 -21.87 -22.44
CA ARG B 165 -35.42 -21.90 -23.86
C ARG B 165 -35.76 -20.56 -24.51
N GLU B 166 -36.65 -19.79 -23.87
CA GLU B 166 -37.16 -18.57 -24.50
C GLU B 166 -36.51 -17.28 -23.99
N ALA B 167 -35.45 -17.44 -23.19
CA ALA B 167 -34.63 -16.32 -22.73
C ALA B 167 -33.35 -16.86 -22.12
N PRO B 168 -32.49 -17.50 -22.94
CA PRO B 168 -31.33 -18.22 -22.41
C PRO B 168 -30.16 -17.29 -22.06
N GLY B 169 -30.30 -16.00 -22.36
CA GLY B 169 -29.28 -15.03 -22.07
C GLY B 169 -28.24 -14.86 -23.17
N ASN B 170 -27.46 -13.79 -23.07
CA ASN B 170 -26.34 -13.53 -23.97
C ASN B 170 -26.69 -13.32 -25.44
N VAL B 171 -27.97 -13.10 -25.76
CA VAL B 171 -28.38 -12.95 -27.16
C VAL B 171 -27.69 -11.78 -27.84
N GLY B 172 -27.41 -10.72 -27.08
CA GLY B 172 -26.67 -9.59 -27.63
C GLY B 172 -25.30 -10.04 -28.10
N LEU B 173 -24.68 -10.96 -27.37
CA LEU B 173 -23.38 -11.49 -27.78
C LEU B 173 -23.53 -12.35 -29.03
N LEU B 174 -24.61 -13.13 -29.08
CA LEU B 174 -24.92 -13.91 -30.27
C LEU B 174 -25.17 -13.04 -31.49
N ASP B 175 -25.74 -11.86 -31.29
CA ASP B 175 -25.93 -10.90 -32.37
C ASP B 175 -24.56 -10.61 -32.96
N GLN B 176 -23.62 -10.21 -32.10
CA GLN B 176 -22.24 -9.96 -32.52
C GLN B 176 -21.63 -11.17 -33.24
N ARG B 177 -21.76 -12.35 -32.65
CA ARG B 177 -21.27 -13.58 -33.26
C ARG B 177 -21.84 -13.80 -34.67
N LEU B 178 -23.10 -13.46 -34.86
CA LEU B 178 -23.74 -13.65 -36.16
C LEU B 178 -23.16 -12.67 -37.17
N ALA B 179 -22.92 -11.45 -36.74
CA ALA B 179 -22.32 -10.44 -37.60
C ALA B 179 -20.92 -10.89 -38.02
N LEU B 180 -20.20 -11.56 -37.12
CA LEU B 180 -18.88 -12.08 -37.41
C LEU B 180 -18.93 -13.19 -38.47
N GLN B 181 -19.94 -14.05 -38.36
CA GLN B 181 -20.17 -15.10 -39.36
C GLN B 181 -20.47 -14.46 -40.71
N TRP B 182 -21.22 -13.36 -40.67
CA TRP B 182 -21.61 -12.64 -41.87
C TRP B 182 -20.38 -12.12 -42.60
N VAL B 183 -19.45 -11.54 -41.84
CA VAL B 183 -18.16 -11.10 -42.38
C VAL B 183 -17.36 -12.24 -43.02
N GLN B 184 -17.29 -13.39 -42.35
CA GLN B 184 -16.64 -14.56 -42.93
C GLN B 184 -17.24 -14.94 -44.30
N GLU B 185 -18.56 -14.84 -44.40
CA GLU B 185 -19.26 -15.33 -45.59
C GLU B 185 -19.36 -14.31 -46.71
N ASN B 186 -19.15 -13.04 -46.38
CA ASN B 186 -19.47 -11.96 -47.30
C ASN B 186 -18.40 -10.92 -47.55
N ILE B 187 -17.47 -10.77 -46.61
CA ILE B 187 -16.50 -9.68 -46.69
C ILE B 187 -15.62 -9.74 -47.94
N ALA B 188 -15.34 -10.94 -48.45
CA ALA B 188 -14.52 -11.08 -49.65
C ALA B 188 -15.12 -10.30 -50.84
N ALA B 189 -16.44 -10.12 -50.82
CA ALA B 189 -17.12 -9.41 -51.90
C ALA B 189 -16.89 -7.90 -51.82
N PHE B 190 -16.42 -7.44 -50.67
CA PHE B 190 -16.08 -6.03 -50.51
C PHE B 190 -14.58 -5.79 -50.65
N GLY B 191 -13.83 -6.87 -50.88
CA GLY B 191 -12.38 -6.79 -51.00
C GLY B 191 -11.71 -7.09 -49.68
N GLY B 192 -12.50 -7.50 -48.70
CA GLY B 192 -12.00 -7.84 -47.37
C GLY B 192 -11.35 -9.21 -47.35
N ASP B 193 -10.41 -9.42 -46.42
CA ASP B 193 -9.75 -10.70 -46.26
C ASP B 193 -10.39 -11.41 -45.08
N PRO B 194 -11.17 -12.47 -45.34
CA PRO B 194 -11.79 -13.15 -44.20
C PRO B 194 -10.77 -13.91 -43.35
N MET B 195 -9.60 -14.20 -43.91
CA MET B 195 -8.55 -14.86 -43.15
C MET B 195 -7.67 -13.89 -42.34
N SER B 196 -8.13 -12.65 -42.21
CA SER B 196 -7.45 -11.66 -41.37
C SER B 196 -8.47 -10.68 -40.81
N VAL B 197 -9.03 -11.04 -39.66
CA VAL B 197 -10.09 -10.25 -39.06
C VAL B 197 -9.72 -9.84 -37.66
N THR B 198 -9.66 -8.52 -37.44
CA THR B 198 -9.30 -8.01 -36.13
C THR B 198 -10.51 -7.40 -35.44
N LEU B 199 -10.87 -7.94 -34.29
CA LEU B 199 -11.90 -7.32 -33.46
C LEU B 199 -11.30 -6.19 -32.63
N PHE B 200 -11.96 -5.03 -32.61
CA PHE B 200 -11.63 -4.02 -31.62
C PHE B 200 -12.85 -3.38 -31.00
N GLY B 201 -12.77 -3.09 -29.71
CA GLY B 201 -13.89 -2.50 -29.01
C GLY B 201 -13.46 -1.74 -27.77
N GLU B 202 -14.33 -0.86 -27.30
CA GLU B 202 -14.04 -0.02 -26.15
C GLU B 202 -15.05 -0.24 -25.03
N SER B 203 -14.56 -0.32 -23.80
CA SER B 203 -15.39 -0.49 -22.62
C SER B 203 -16.21 -1.79 -22.74
N ALA B 204 -17.54 -1.67 -22.71
CA ALA B 204 -18.39 -2.85 -22.84
C ALA B 204 -18.05 -3.62 -24.12
N GLY B 205 -17.65 -2.90 -25.16
CA GLY B 205 -17.20 -3.50 -26.40
C GLY B 205 -15.91 -4.29 -26.29
N ALA B 206 -14.95 -3.75 -25.53
CA ALA B 206 -13.73 -4.47 -25.20
C ALA B 206 -14.06 -5.71 -24.41
N ALA B 207 -15.01 -5.60 -23.49
CA ALA B 207 -15.45 -6.80 -22.78
C ALA B 207 -16.04 -7.85 -23.73
N SER B 208 -16.84 -7.42 -24.70
CA SER B 208 -17.46 -8.35 -25.65
C SER B 208 -16.39 -9.06 -26.46
N VAL B 209 -15.49 -8.28 -27.04
CA VAL B 209 -14.30 -8.82 -27.69
C VAL B 209 -13.61 -9.86 -26.79
N GLY B 210 -13.41 -9.49 -25.53
CA GLY B 210 -12.87 -10.42 -24.56
C GLY B 210 -13.64 -11.74 -24.51
N MET B 211 -14.96 -11.65 -24.43
CA MET B 211 -15.77 -12.87 -24.37
C MET B 211 -15.75 -13.68 -25.66
N HIS B 212 -15.55 -13.05 -26.81
CA HIS B 212 -15.35 -13.83 -28.04
C HIS B 212 -14.03 -14.62 -27.99
N ILE B 213 -13.01 -14.07 -27.32
CA ILE B 213 -11.77 -14.80 -27.09
C ILE B 213 -12.03 -16.04 -26.24
N LEU B 214 -12.99 -15.93 -25.33
CA LEU B 214 -13.22 -16.97 -24.34
C LEU B 214 -14.34 -17.94 -24.72
N SER B 215 -14.99 -17.69 -25.84
CA SER B 215 -16.07 -18.57 -26.30
C SER B 215 -15.66 -19.24 -27.61
N LEU B 216 -15.39 -20.54 -27.54
CA LEU B 216 -14.81 -21.29 -28.65
C LEU B 216 -15.50 -21.12 -30.02
N PRO B 217 -16.84 -21.09 -30.06
CA PRO B 217 -17.45 -20.91 -31.39
C PRO B 217 -17.12 -19.57 -32.07
N SER B 218 -16.70 -18.57 -31.31
CA SER B 218 -16.32 -17.27 -31.88
C SER B 218 -14.90 -17.30 -32.43
N ARG B 219 -14.08 -18.18 -31.87
CA ARG B 219 -12.65 -18.24 -32.17
C ARG B 219 -12.30 -18.49 -33.65
N SER B 220 -13.15 -19.20 -34.39
CA SER B 220 -12.86 -19.44 -35.79
C SER B 220 -13.30 -18.27 -36.68
N LEU B 221 -13.76 -17.19 -36.06
CA LEU B 221 -14.30 -16.05 -36.81
C LEU B 221 -13.41 -14.80 -36.75
N PHE B 222 -12.33 -14.85 -35.99
CA PHE B 222 -11.36 -13.74 -35.96
C PHE B 222 -9.96 -14.25 -35.64
N HIS B 223 -8.96 -13.38 -35.80
CA HIS B 223 -7.57 -13.80 -35.63
C HIS B 223 -6.80 -12.95 -34.64
N ARG B 224 -7.28 -11.73 -34.40
CA ARG B 224 -6.63 -10.80 -33.48
C ARG B 224 -7.68 -9.95 -32.75
N ALA B 225 -7.28 -9.39 -31.61
CA ALA B 225 -8.22 -8.65 -30.77
C ALA B 225 -7.60 -7.42 -30.14
N VAL B 226 -8.41 -6.38 -29.99
CA VAL B 226 -8.00 -5.15 -29.37
C VAL B 226 -9.05 -4.78 -28.35
N LEU B 227 -8.63 -4.65 -27.08
CA LEU B 227 -9.54 -4.30 -26.01
C LEU B 227 -9.17 -2.96 -25.42
N GLN B 228 -10.00 -1.96 -25.72
CA GLN B 228 -9.80 -0.62 -25.19
C GLN B 228 -10.64 -0.38 -23.94
N SER B 229 -9.98 -0.30 -22.79
CA SER B 229 -10.63 0.12 -21.53
C SER B 229 -11.79 -0.77 -21.11
N GLY B 230 -11.61 -2.09 -21.19
CA GLY B 230 -12.67 -3.01 -20.83
C GLY B 230 -12.16 -4.44 -20.92
N THR B 231 -12.76 -5.33 -20.14
CA THR B 231 -12.29 -6.69 -20.02
C THR B 231 -13.51 -7.54 -19.76
N PRO B 232 -13.46 -8.82 -20.14
CA PRO B 232 -14.57 -9.71 -19.79
C PRO B 232 -14.52 -10.06 -18.30
N ASN B 233 -13.32 -10.20 -17.75
CA ASN B 233 -13.13 -10.34 -16.31
C ASN B 233 -13.43 -9.01 -15.63
N GLY B 234 -13.54 -9.02 -14.29
CA GLY B 234 -13.82 -7.80 -13.57
C GLY B 234 -15.19 -7.78 -12.91
N PRO B 235 -15.54 -6.65 -12.28
CA PRO B 235 -16.73 -6.62 -11.42
C PRO B 235 -18.06 -6.27 -12.11
N TRP B 236 -18.04 -5.82 -13.36
CA TRP B 236 -19.27 -5.30 -13.96
C TRP B 236 -19.70 -6.02 -15.25
N ALA B 237 -18.79 -6.76 -15.86
CA ALA B 237 -19.02 -7.28 -17.22
C ALA B 237 -19.89 -8.54 -17.31
N THR B 238 -19.95 -9.32 -16.23
CA THR B 238 -20.75 -10.52 -16.20
C THR B 238 -21.55 -10.62 -14.92
N VAL B 239 -22.61 -11.42 -14.96
CA VAL B 239 -23.26 -11.82 -13.73
C VAL B 239 -23.35 -13.33 -13.66
N SER B 240 -23.63 -13.85 -12.48
CA SER B 240 -23.84 -15.28 -12.30
C SER B 240 -25.25 -15.59 -12.73
N ALA B 241 -25.51 -16.85 -13.04
CA ALA B 241 -26.83 -17.31 -13.47
C ALA B 241 -27.88 -17.02 -12.41
N GLY B 242 -27.46 -17.10 -11.14
CA GLY B 242 -28.34 -16.80 -10.02
C GLY B 242 -28.75 -15.34 -9.98
N GLU B 243 -27.81 -14.45 -10.26
CA GLU B 243 -28.10 -13.02 -10.13
C GLU B 243 -28.91 -12.52 -11.32
N ALA B 244 -28.61 -13.03 -12.51
CA ALA B 244 -29.38 -12.71 -13.71
C ALA B 244 -30.85 -13.09 -13.51
N ARG B 245 -31.07 -14.26 -12.93
CA ARG B 245 -32.42 -14.75 -12.71
C ARG B 245 -33.18 -13.89 -11.70
N ARG B 246 -32.47 -13.41 -10.69
CA ARG B 246 -33.06 -12.53 -9.69
C ARG B 246 -33.53 -11.22 -10.32
N ARG B 247 -32.66 -10.62 -11.12
CA ARG B 247 -32.98 -9.34 -11.74
C ARG B 247 -34.13 -9.46 -12.74
N ALA B 248 -34.09 -10.50 -13.56
CA ALA B 248 -35.12 -10.73 -14.56
C ALA B 248 -36.47 -10.91 -13.88
N THR B 249 -36.48 -11.69 -12.81
CA THR B 249 -37.67 -11.91 -12.02
C THR B 249 -38.17 -10.62 -11.38
N LEU B 250 -37.24 -9.77 -10.97
CA LEU B 250 -37.62 -8.52 -10.31
C LEU B 250 -38.23 -7.57 -11.32
N LEU B 251 -37.59 -7.47 -12.47
CA LEU B 251 -38.07 -6.59 -13.51
C LEU B 251 -39.50 -6.94 -13.91
N ALA B 252 -39.75 -8.23 -14.10
CA ALA B 252 -41.08 -8.72 -14.43
C ALA B 252 -42.07 -8.27 -13.37
N ARG B 253 -41.65 -8.34 -12.12
CA ARG B 253 -42.50 -7.92 -11.01
C ARG B 253 -42.80 -6.42 -11.09
N LEU B 254 -41.80 -5.63 -11.44
CA LEU B 254 -41.97 -4.19 -11.58
C LEU B 254 -42.90 -3.79 -12.74
N VAL B 255 -42.93 -4.60 -13.80
CA VAL B 255 -43.80 -4.29 -14.94
C VAL B 255 -45.14 -5.06 -14.92
N GLY B 256 -45.38 -5.82 -13.85
CA GLY B 256 -46.67 -6.48 -13.65
C GLY B 256 -46.78 -7.95 -14.03
N CYS B 257 -45.64 -8.59 -14.31
CA CYS B 257 -45.63 -9.97 -14.77
C CYS B 257 -45.48 -10.99 -13.64
N GLY B 264 -45.84 -23.94 -16.93
CA GLY B 264 -44.43 -23.57 -16.94
C GLY B 264 -44.23 -22.11 -16.52
N ASN B 265 -43.58 -21.89 -15.38
CA ASN B 265 -43.44 -20.55 -14.82
C ASN B 265 -42.40 -19.67 -15.53
N ASP B 266 -41.29 -20.25 -15.98
CA ASP B 266 -40.35 -19.51 -16.81
C ASP B 266 -41.01 -19.02 -18.08
N THR B 267 -41.78 -19.91 -18.71
CA THR B 267 -42.43 -19.64 -19.99
C THR B 267 -43.49 -18.55 -19.88
N GLU B 268 -44.34 -18.67 -18.87
CA GLU B 268 -45.43 -17.71 -18.71
C GLU B 268 -44.89 -16.33 -18.37
N LEU B 269 -43.79 -16.29 -17.63
CA LEU B 269 -43.18 -15.03 -17.23
C LEU B 269 -42.59 -14.27 -18.41
N ILE B 270 -41.80 -14.98 -19.22
CA ILE B 270 -41.23 -14.38 -20.42
C ILE B 270 -42.31 -14.01 -21.47
N ALA B 271 -43.43 -14.72 -21.47
CA ALA B 271 -44.50 -14.35 -22.39
C ALA B 271 -45.11 -12.99 -22.04
N CYS B 272 -45.40 -12.76 -20.76
CA CYS B 272 -45.99 -11.47 -20.35
C CYS B 272 -45.01 -10.33 -20.62
N LEU B 273 -43.72 -10.62 -20.54
CA LEU B 273 -42.69 -9.63 -20.82
C LEU B 273 -42.67 -9.25 -22.30
N ARG B 274 -42.97 -10.24 -23.16
N ARG B 274 -42.96 -10.24 -23.14
CA ARG B 274 -42.99 -10.01 -24.59
CA ARG B 274 -42.99 -10.03 -24.58
C ARG B 274 -44.14 -9.09 -25.02
C ARG B 274 -44.13 -9.10 -25.01
N THR B 275 -45.18 -9.03 -24.19
CA THR B 275 -46.31 -8.15 -24.50
C THR B 275 -46.03 -6.71 -24.09
N ARG B 276 -44.96 -6.48 -23.34
CA ARG B 276 -44.65 -5.14 -22.87
C ARG B 276 -43.97 -4.25 -23.91
N PRO B 277 -44.53 -3.05 -24.13
CA PRO B 277 -43.89 -1.98 -24.92
C PRO B 277 -42.45 -1.79 -24.49
N ALA B 278 -41.58 -1.57 -25.46
CA ALA B 278 -40.15 -1.46 -25.24
C ALA B 278 -39.81 -0.50 -24.09
N GLN B 279 -40.41 0.68 -24.11
CA GLN B 279 -40.08 1.74 -23.17
C GLN B 279 -40.48 1.37 -21.74
N ASP B 280 -41.43 0.46 -21.62
CA ASP B 280 -41.85 -0.03 -20.30
C ASP B 280 -40.75 -0.83 -19.61
N LEU B 281 -39.91 -1.52 -20.38
CA LEU B 281 -38.82 -2.31 -19.79
C LEU B 281 -37.67 -1.39 -19.42
N VAL B 282 -37.32 -0.50 -20.33
CA VAL B 282 -36.30 0.52 -20.08
C VAL B 282 -36.60 1.39 -18.83
N ASP B 283 -37.89 1.70 -18.61
CA ASP B 283 -38.32 2.51 -17.46
C ASP B 283 -37.89 1.93 -16.10
N HIS B 284 -37.79 0.61 -16.01
CA HIS B 284 -37.50 -0.05 -14.75
C HIS B 284 -36.14 -0.75 -14.79
N GLU B 285 -35.47 -0.64 -15.92
CA GLU B 285 -34.17 -1.28 -16.14
C GLU B 285 -33.18 -1.04 -14.99
N TRP B 286 -33.09 0.19 -14.53
CA TRP B 286 -32.13 0.52 -13.47
C TRP B 286 -32.58 0.08 -12.07
N HIS B 287 -33.86 -0.18 -11.89
CA HIS B 287 -34.38 -0.47 -10.56
C HIS B 287 -34.03 -1.86 -10.02
N VAL B 288 -33.32 -2.69 -10.78
CA VAL B 288 -33.03 -4.05 -10.31
C VAL B 288 -31.60 -4.29 -9.80
N LEU B 289 -30.80 -3.23 -9.66
CA LEU B 289 -29.46 -3.37 -9.10
C LEU B 289 -29.52 -3.64 -7.60
N PRO B 290 -28.71 -4.58 -7.11
CA PRO B 290 -28.72 -4.98 -5.69
C PRO B 290 -28.32 -3.87 -4.71
N GLN B 291 -27.37 -3.02 -5.10
CA GLN B 291 -26.97 -1.90 -4.24
C GLN B 291 -26.86 -0.60 -5.03
N GLU B 292 -26.92 0.52 -4.31
CA GLU B 292 -26.59 1.81 -4.87
C GLU B 292 -25.15 1.74 -5.38
N SER B 293 -24.93 2.14 -6.62
CA SER B 293 -23.62 1.96 -7.23
C SER B 293 -23.35 2.86 -8.42
N ILE B 294 -22.08 2.93 -8.81
CA ILE B 294 -21.72 3.39 -10.14
C ILE B 294 -20.88 2.31 -10.83
N PHE B 295 -20.80 2.41 -12.15
CA PHE B 295 -20.12 1.41 -12.98
C PHE B 295 -20.69 0.02 -12.77
N ARG B 296 -22.01 -0.04 -12.55
CA ARG B 296 -22.76 -1.29 -12.52
C ARG B 296 -23.94 -1.22 -13.48
N PHE B 297 -24.18 -2.29 -14.23
CA PHE B 297 -25.23 -2.28 -15.25
C PHE B 297 -26.17 -3.47 -15.06
N SER B 298 -27.46 -3.21 -15.24
CA SER B 298 -28.50 -4.19 -14.91
C SER B 298 -28.48 -5.47 -15.75
N PHE B 299 -28.23 -5.35 -17.05
CA PHE B 299 -28.31 -6.53 -17.90
C PHE B 299 -27.11 -6.70 -18.78
N VAL B 300 -26.27 -7.65 -18.38
CA VAL B 300 -24.95 -7.83 -18.92
C VAL B 300 -24.83 -9.31 -19.23
N PRO B 301 -23.75 -9.74 -19.90
CA PRO B 301 -23.56 -11.17 -20.18
C PRO B 301 -23.66 -12.03 -18.92
N VAL B 302 -24.16 -13.25 -19.05
CA VAL B 302 -24.38 -14.13 -17.90
C VAL B 302 -23.53 -15.39 -18.03
N VAL B 303 -22.98 -15.86 -16.91
CA VAL B 303 -22.25 -17.12 -16.94
C VAL B 303 -23.26 -18.24 -17.04
N ASP B 304 -23.54 -18.67 -18.27
CA ASP B 304 -24.60 -19.64 -18.54
C ASP B 304 -24.08 -21.08 -18.58
N GLY B 305 -22.78 -21.23 -18.79
CA GLY B 305 -22.21 -22.55 -18.98
C GLY B 305 -22.37 -22.92 -20.43
N ASP B 306 -22.71 -21.93 -21.25
CA ASP B 306 -22.90 -22.13 -22.68
C ASP B 306 -21.97 -21.20 -23.44
N PHE B 307 -22.38 -19.95 -23.64
CA PHE B 307 -21.47 -18.97 -24.25
C PHE B 307 -20.23 -18.93 -23.38
N LEU B 308 -20.43 -18.63 -22.10
CA LEU B 308 -19.37 -18.68 -21.10
C LEU B 308 -19.48 -19.97 -20.29
N SER B 309 -18.58 -20.91 -20.55
CA SER B 309 -18.60 -22.20 -19.87
C SER B 309 -18.31 -22.06 -18.36
N ASP B 310 -17.46 -21.11 -18.02
CA ASP B 310 -17.18 -20.80 -16.61
C ASP B 310 -17.07 -19.28 -16.50
N THR B 311 -16.69 -18.78 -15.33
CA THR B 311 -16.47 -17.34 -15.19
C THR B 311 -15.30 -16.89 -16.05
N PRO B 312 -15.30 -15.64 -16.49
CA PRO B 312 -14.12 -15.12 -17.21
C PRO B 312 -12.80 -15.31 -16.47
N GLU B 313 -12.78 -15.22 -15.14
CA GLU B 313 -11.51 -15.37 -14.41
C GLU B 313 -11.03 -16.80 -14.51
N ALA B 314 -11.93 -17.75 -14.27
CA ALA B 314 -11.59 -19.16 -14.40
C ALA B 314 -11.07 -19.45 -15.81
N LEU B 315 -11.68 -18.81 -16.80
CA LEU B 315 -11.34 -19.04 -18.21
C LEU B 315 -9.99 -18.47 -18.59
N ILE B 316 -9.72 -17.23 -18.17
CA ILE B 316 -8.41 -16.64 -18.46
C ILE B 316 -7.31 -17.27 -17.62
N ASN B 317 -7.65 -17.77 -16.43
CA ASN B 317 -6.66 -18.33 -15.52
C ASN B 317 -6.16 -19.68 -16.00
N THR B 318 -6.92 -20.30 -16.91
CA THR B 318 -6.65 -21.67 -17.30
C THR B 318 -6.58 -21.88 -18.81
N GLY B 319 -7.08 -20.91 -19.57
CA GLY B 319 -7.14 -21.03 -21.01
C GLY B 319 -5.78 -21.14 -21.67
N ASP B 320 -5.75 -21.70 -22.88
CA ASP B 320 -4.53 -21.73 -23.67
C ASP B 320 -4.60 -20.73 -24.84
N PHE B 321 -3.75 -19.70 -24.75
CA PHE B 321 -3.80 -18.60 -25.69
C PHE B 321 -2.59 -18.52 -26.64
N GLN B 322 -1.97 -19.67 -26.92
CA GLN B 322 -0.74 -19.75 -27.71
C GLN B 322 -0.71 -18.87 -28.96
N ASP B 323 -1.68 -19.05 -29.85
CA ASP B 323 -1.63 -18.36 -31.14
C ASP B 323 -2.45 -17.09 -31.20
N LEU B 324 -2.59 -16.42 -30.06
CA LEU B 324 -3.39 -15.21 -30.00
C LEU B 324 -2.50 -13.95 -29.95
N GLN B 325 -2.97 -12.88 -30.59
CA GLN B 325 -2.31 -11.58 -30.49
C GLN B 325 -3.30 -10.53 -30.02
N VAL B 326 -2.95 -9.82 -28.96
CA VAL B 326 -3.89 -8.89 -28.37
C VAL B 326 -3.26 -7.55 -28.04
N LEU B 327 -4.03 -6.49 -28.22
CA LEU B 327 -3.60 -5.15 -27.90
C LEU B 327 -4.59 -4.59 -26.88
N VAL B 328 -4.07 -4.17 -25.73
CA VAL B 328 -4.93 -3.80 -24.61
C VAL B 328 -4.46 -2.51 -23.98
N GLY B 329 -5.39 -1.77 -23.39
CA GLY B 329 -5.00 -0.51 -22.82
C GLY B 329 -6.10 0.23 -22.13
N VAL B 330 -5.72 1.36 -21.55
CA VAL B 330 -6.61 2.18 -20.76
C VAL B 330 -6.28 3.64 -21.02
N VAL B 331 -7.24 4.53 -20.74
CA VAL B 331 -6.99 5.96 -20.72
C VAL B 331 -6.51 6.38 -19.33
N LYS B 332 -6.01 7.61 -19.23
CA LYS B 332 -5.38 8.08 -18.01
C LYS B 332 -6.34 8.20 -16.83
N ASP B 333 -7.57 8.62 -17.09
CA ASP B 333 -8.52 8.89 -16.03
C ASP B 333 -9.80 8.07 -16.15
N GLU B 334 -9.64 6.75 -16.07
CA GLU B 334 -10.74 5.80 -16.28
C GLU B 334 -12.02 6.09 -15.48
N GLY B 335 -11.90 6.39 -14.20
CA GLY B 335 -13.09 6.52 -13.36
C GLY B 335 -13.81 7.86 -13.32
N SER B 336 -13.16 8.91 -13.80
CA SER B 336 -13.66 10.28 -13.60
C SER B 336 -15.07 10.53 -14.13
N TYR B 337 -15.35 10.01 -15.33
CA TYR B 337 -16.64 10.19 -16.00
C TYR B 337 -17.80 9.72 -15.12
N PHE B 338 -17.59 8.60 -14.42
CA PHE B 338 -18.65 7.92 -13.67
C PHE B 338 -19.07 8.62 -12.40
N LEU B 339 -18.19 9.44 -11.84
CA LEU B 339 -18.43 10.02 -10.53
C LEU B 339 -19.62 10.96 -10.56
N VAL B 340 -19.76 11.71 -11.65
CA VAL B 340 -20.85 12.68 -11.75
C VAL B 340 -22.20 11.99 -11.86
N TYR B 341 -22.16 10.66 -12.01
CA TYR B 341 -23.36 9.86 -12.25
C TYR B 341 -23.86 9.12 -11.02
N GLY B 342 -23.41 9.51 -9.83
CA GLY B 342 -23.89 8.87 -8.62
C GLY B 342 -23.24 9.27 -7.31
N VAL B 343 -21.98 9.71 -7.39
CA VAL B 343 -21.23 10.04 -6.18
C VAL B 343 -21.49 11.47 -5.73
N PRO B 344 -22.12 11.63 -4.56
CA PRO B 344 -22.44 12.99 -4.09
C PRO B 344 -21.16 13.83 -4.01
N GLY B 345 -21.24 15.08 -4.46
CA GLY B 345 -20.10 15.97 -4.48
C GLY B 345 -19.56 16.25 -5.87
N PHE B 346 -19.83 15.36 -6.82
CA PHE B 346 -19.26 15.50 -8.15
C PHE B 346 -20.22 16.08 -9.20
N SER B 347 -19.65 16.87 -10.11
CA SER B 347 -20.40 17.58 -11.13
C SER B 347 -19.41 18.01 -12.21
N LYS B 348 -19.90 18.21 -13.43
CA LYS B 348 -19.06 18.73 -14.49
C LYS B 348 -19.02 20.25 -14.43
N ASP B 349 -19.92 20.82 -13.62
CA ASP B 349 -20.04 22.27 -13.55
C ASP B 349 -19.21 22.92 -12.43
N ASN B 350 -18.47 22.10 -11.69
CA ASN B 350 -17.49 22.63 -10.72
C ASN B 350 -16.27 21.72 -10.50
N GLU B 351 -15.35 22.16 -9.65
CA GLU B 351 -14.09 21.47 -9.48
C GLU B 351 -14.24 20.17 -8.70
N SER B 352 -15.42 19.97 -8.14
CA SER B 352 -15.78 18.74 -7.42
C SER B 352 -14.79 18.40 -6.30
N LEU B 353 -14.46 19.41 -5.49
CA LEU B 353 -13.58 19.19 -4.35
C LEU B 353 -14.39 18.57 -3.23
N ILE B 354 -13.95 17.42 -2.75
CA ILE B 354 -14.73 16.68 -1.75
C ILE B 354 -14.08 16.62 -0.38
N SER B 355 -14.91 16.50 0.66
CA SER B 355 -14.44 16.29 2.02
C SER B 355 -14.05 14.82 2.18
N ARG B 356 -13.45 14.51 3.32
CA ARG B 356 -13.10 13.14 3.64
C ARG B 356 -14.37 12.27 3.77
N ALA B 357 -15.40 12.85 4.38
CA ALA B 357 -16.69 12.18 4.57
C ALA B 357 -17.28 11.71 3.26
N GLN B 358 -17.35 12.61 2.28
CA GLN B 358 -17.88 12.31 0.96
C GLN B 358 -17.01 11.28 0.24
N PHE B 359 -15.72 11.26 0.56
CA PHE B 359 -14.83 10.27 -0.05
C PHE B 359 -15.10 8.88 0.50
N LEU B 360 -15.34 8.78 1.79
CA LEU B 360 -15.69 7.49 2.39
C LEU B 360 -17.00 7.00 1.81
N ALA B 361 -18.00 7.89 1.80
CA ALA B 361 -19.33 7.56 1.32
C ALA B 361 -19.30 7.12 -0.15
N GLY B 362 -18.51 7.82 -0.95
CA GLY B 362 -18.35 7.50 -2.36
C GLY B 362 -17.60 6.21 -2.65
N VAL B 363 -16.84 5.73 -1.67
CA VAL B 363 -16.12 4.46 -1.81
C VAL B 363 -17.06 3.23 -1.69
N ARG B 364 -18.12 3.35 -0.88
CA ARG B 364 -19.11 2.28 -0.77
C ARG B 364 -19.94 2.22 -2.05
N ILE B 365 -19.90 3.30 -2.82
CA ILE B 365 -20.72 3.42 -4.01
C ILE B 365 -19.92 2.95 -5.21
N GLY B 366 -18.65 3.33 -5.25
CA GLY B 366 -17.75 2.91 -6.31
C GLY B 366 -17.26 1.49 -6.12
N VAL B 367 -17.42 0.96 -4.91
CA VAL B 367 -17.16 -0.45 -4.67
C VAL B 367 -18.34 -1.06 -3.95
N PRO B 368 -19.47 -1.17 -4.65
CA PRO B 368 -20.76 -1.52 -4.04
C PRO B 368 -20.74 -2.88 -3.38
N GLN B 369 -19.86 -3.76 -3.83
CA GLN B 369 -19.78 -5.12 -3.31
CA GLN B 369 -19.80 -5.12 -3.31
C GLN B 369 -18.92 -5.24 -2.07
N ALA B 370 -18.25 -4.14 -1.69
CA ALA B 370 -17.31 -4.17 -0.55
C ALA B 370 -17.95 -4.23 0.83
N SER B 371 -17.46 -5.17 1.63
CA SER B 371 -17.73 -5.20 3.06
C SER B 371 -17.16 -3.97 3.76
N ASP B 372 -17.61 -3.72 4.97
CA ASP B 372 -17.12 -2.60 5.77
C ASP B 372 -15.60 -2.63 5.84
N LEU B 373 -15.05 -3.82 6.07
CA LEU B 373 -13.61 -3.96 6.21
C LEU B 373 -12.87 -3.82 4.89
N ALA B 374 -13.45 -4.31 3.81
CA ALA B 374 -12.84 -4.17 2.50
C ALA B 374 -12.80 -2.72 2.04
N ALA B 375 -13.88 -1.98 2.32
CA ALA B 375 -13.96 -0.56 1.99
C ALA B 375 -13.01 0.24 2.87
N GLU B 376 -12.81 -0.22 4.10
CA GLU B 376 -11.82 0.41 4.95
C GLU B 376 -10.44 0.24 4.30
N ALA B 377 -10.14 -0.98 3.87
CA ALA B 377 -8.87 -1.26 3.20
C ALA B 377 -8.66 -0.35 2.00
N VAL B 378 -9.73 -0.07 1.26
CA VAL B 378 -9.63 0.76 0.07
C VAL B 378 -9.35 2.21 0.44
N VAL B 379 -10.17 2.77 1.31
CA VAL B 379 -9.96 4.12 1.82
C VAL B 379 -8.53 4.33 2.39
N LEU B 380 -8.01 3.35 3.12
CA LEU B 380 -6.66 3.45 3.66
C LEU B 380 -5.56 3.41 2.59
N HIS B 381 -5.80 2.66 1.52
CA HIS B 381 -4.83 2.52 0.44
C HIS B 381 -4.76 3.78 -0.42
N TYR B 382 -5.89 4.46 -0.59
CA TYR B 382 -5.98 5.57 -1.52
C TYR B 382 -5.80 6.94 -0.88
N THR B 383 -5.99 7.03 0.43
CA THR B 383 -5.70 8.26 1.16
C THR B 383 -4.21 8.57 1.03
N ASP B 384 -3.87 9.81 0.71
CA ASP B 384 -2.49 10.28 0.81
C ASP B 384 -2.26 10.74 2.25
N TRP B 385 -1.55 9.94 3.03
CA TRP B 385 -1.36 10.26 4.44
C TRP B 385 -0.48 11.48 4.70
N LEU B 386 0.07 12.05 3.64
CA LEU B 386 0.74 13.33 3.77
C LEU B 386 -0.29 14.46 3.68
N HIS B 387 -1.36 14.19 2.94
CA HIS B 387 -2.44 15.16 2.73
C HIS B 387 -3.78 14.47 2.84
N PRO B 388 -4.09 13.89 4.02
CA PRO B 388 -5.25 13.02 4.16
C PRO B 388 -6.59 13.73 4.04
N GLU B 389 -6.59 15.05 4.18
CA GLU B 389 -7.83 15.82 4.19
C GLU B 389 -8.02 16.67 2.93
N ASP B 390 -6.94 16.79 2.16
CA ASP B 390 -6.92 17.71 1.03
C ASP B 390 -7.90 17.36 -0.08
N PRO B 391 -8.91 18.22 -0.31
CA PRO B 391 -9.97 18.05 -1.31
C PRO B 391 -9.52 17.63 -2.70
N THR B 392 -8.46 18.22 -3.25
CA THR B 392 -7.99 17.87 -4.59
C THR B 392 -7.49 16.42 -4.64
N HIS B 393 -6.85 15.97 -3.57
CA HIS B 393 -6.34 14.61 -3.51
C HIS B 393 -7.46 13.61 -3.36
N LEU B 394 -8.46 13.96 -2.57
CA LEU B 394 -9.61 13.10 -2.34
C LEU B 394 -10.43 12.92 -3.63
N ARG B 395 -10.65 14.03 -4.32
CA ARG B 395 -11.36 14.01 -5.58
C ARG B 395 -10.61 13.16 -6.60
N ASP B 396 -9.30 13.36 -6.70
CA ASP B 396 -8.50 12.59 -7.64
C ASP B 396 -8.41 11.12 -7.27
N ALA B 397 -8.51 10.82 -5.97
CA ALA B 397 -8.35 9.45 -5.51
C ALA B 397 -9.65 8.67 -5.64
N MET B 398 -10.76 9.35 -5.39
CA MET B 398 -12.08 8.82 -5.66
C MET B 398 -12.15 8.29 -7.10
N SER B 399 -11.75 9.13 -8.05
CA SER B 399 -11.73 8.76 -9.47
C SER B 399 -10.78 7.59 -9.75
N ALA B 400 -9.66 7.53 -9.03
CA ALA B 400 -8.71 6.45 -9.25
C ALA B 400 -9.24 5.12 -8.71
N VAL B 401 -9.96 5.16 -7.59
CA VAL B 401 -10.60 3.97 -7.04
C VAL B 401 -11.56 3.32 -8.05
N VAL B 402 -12.40 4.15 -8.67
CA VAL B 402 -13.37 3.66 -9.65
C VAL B 402 -12.67 3.12 -10.89
N GLY B 403 -11.75 3.90 -11.43
CA GLY B 403 -11.01 3.49 -12.61
C GLY B 403 -10.15 2.25 -12.42
N ASP B 404 -9.63 2.06 -11.22
CA ASP B 404 -8.72 0.94 -10.97
C ASP B 404 -9.49 -0.34 -10.71
N HIS B 405 -10.53 -0.21 -9.91
CA HIS B 405 -11.40 -1.33 -9.57
C HIS B 405 -12.07 -1.89 -10.83
N ASN B 406 -12.53 -0.99 -11.69
CA ASN B 406 -13.38 -1.39 -12.81
C ASN B 406 -12.65 -1.65 -14.12
N VAL B 407 -11.59 -0.88 -14.38
CA VAL B 407 -10.87 -1.02 -15.64
C VAL B 407 -9.40 -1.41 -15.51
N VAL B 408 -8.60 -0.50 -14.93
CA VAL B 408 -7.13 -0.63 -14.95
C VAL B 408 -6.59 -1.93 -14.38
N CYS B 409 -7.12 -2.33 -13.24
CA CYS B 409 -6.67 -3.57 -12.67
C CYS B 409 -7.23 -4.82 -13.37
N PRO B 410 -8.53 -4.84 -13.70
CA PRO B 410 -9.04 -5.88 -14.61
C PRO B 410 -8.19 -6.03 -15.87
N VAL B 411 -7.82 -4.92 -16.49
CA VAL B 411 -6.96 -4.96 -17.66
C VAL B 411 -5.60 -5.56 -17.36
N ALA B 412 -4.99 -5.14 -16.25
CA ALA B 412 -3.67 -5.61 -15.85
C ALA B 412 -3.69 -7.11 -15.62
N GLN B 413 -4.69 -7.58 -14.89
CA GLN B 413 -4.90 -9.02 -14.73
C GLN B 413 -5.03 -9.80 -16.04
N LEU B 414 -5.80 -9.28 -16.99
CA LEU B 414 -5.99 -9.95 -18.27
C LEU B 414 -4.69 -10.00 -19.06
N ALA B 415 -4.03 -8.84 -19.18
CA ALA B 415 -2.74 -8.74 -19.87
C ALA B 415 -1.77 -9.75 -19.31
N GLY B 416 -1.74 -9.85 -17.98
CA GLY B 416 -0.88 -10.80 -17.30
C GLY B 416 -1.20 -12.24 -17.58
N ARG B 417 -2.46 -12.63 -17.45
CA ARG B 417 -2.83 -14.02 -17.68
C ARG B 417 -2.63 -14.43 -19.14
N LEU B 418 -2.94 -13.53 -20.06
CA LEU B 418 -2.76 -13.83 -21.48
C LEU B 418 -1.27 -14.02 -21.81
N ALA B 419 -0.45 -13.08 -21.41
CA ALA B 419 0.99 -13.14 -21.65
C ALA B 419 1.63 -14.42 -21.11
N ALA B 420 1.30 -14.77 -19.87
CA ALA B 420 1.82 -15.98 -19.24
C ALA B 420 1.44 -17.24 -20.01
N GLN B 421 0.24 -17.24 -20.60
CA GLN B 421 -0.27 -18.42 -21.25
C GLN B 421 -0.13 -18.38 -22.78
N GLY B 422 0.95 -17.78 -23.27
CA GLY B 422 1.33 -17.91 -24.66
C GLY B 422 0.86 -16.85 -25.64
N ALA B 423 -0.06 -15.99 -25.21
CA ALA B 423 -0.55 -14.92 -26.08
C ALA B 423 0.47 -13.82 -26.30
N ARG B 424 0.33 -13.14 -27.43
CA ARG B 424 1.17 -11.99 -27.72
C ARG B 424 0.43 -10.70 -27.37
N VAL B 425 0.98 -9.93 -26.45
CA VAL B 425 0.28 -8.80 -25.86
C VAL B 425 1.03 -7.48 -26.01
N TYR B 426 0.32 -6.43 -26.39
CA TYR B 426 0.88 -5.09 -26.38
C TYR B 426 -0.05 -4.25 -25.53
N ALA B 427 0.54 -3.46 -24.65
CA ALA B 427 -0.24 -2.68 -23.70
C ALA B 427 0.12 -1.23 -23.81
N TYR B 428 -0.86 -0.36 -23.58
CA TYR B 428 -0.65 1.07 -23.71
C TYR B 428 -1.47 1.75 -22.64
N ILE B 429 -1.11 3.00 -22.37
CA ILE B 429 -1.98 3.93 -21.66
C ILE B 429 -2.08 5.22 -22.47
N PHE B 430 -3.29 5.72 -22.62
CA PHE B 430 -3.55 6.87 -23.46
C PHE B 430 -3.68 8.12 -22.59
N GLU B 431 -2.78 9.09 -22.81
CA GLU B 431 -2.59 10.20 -21.87
C GLU B 431 -2.85 11.57 -22.48
N HIS B 432 -3.31 11.61 -23.72
CA HIS B 432 -3.59 12.90 -24.33
C HIS B 432 -5.05 13.30 -24.18
N ARG B 433 -5.28 14.46 -23.55
CA ARG B 433 -6.63 15.01 -23.43
C ARG B 433 -6.97 15.88 -24.65
N ALA B 434 -8.11 15.60 -25.26
CA ALA B 434 -8.54 16.34 -26.45
C ALA B 434 -8.62 17.85 -26.21
N SER B 435 -8.14 18.62 -27.18
CA SER B 435 -8.24 20.07 -27.11
C SER B 435 -9.70 20.50 -27.28
N THR B 436 -10.50 19.62 -27.85
CA THR B 436 -11.90 19.92 -28.13
C THR B 436 -12.83 19.34 -27.07
N LEU B 437 -12.24 18.78 -26.02
CA LEU B 437 -13.03 18.11 -24.98
C LEU B 437 -13.88 19.10 -24.18
N THR B 438 -15.10 18.69 -23.84
CA THR B 438 -16.07 19.61 -23.23
C THR B 438 -16.24 19.43 -21.71
N TRP B 439 -15.76 18.30 -21.19
CA TRP B 439 -15.79 18.05 -19.76
C TRP B 439 -14.74 18.90 -19.04
N PRO B 440 -14.94 19.18 -17.74
CA PRO B 440 -13.96 20.02 -17.03
C PRO B 440 -12.57 19.39 -16.93
N LEU B 441 -11.57 20.23 -16.64
CA LEU B 441 -10.19 19.79 -16.56
C LEU B 441 -9.93 18.70 -15.52
N TRP B 442 -10.73 18.67 -14.47
CA TRP B 442 -10.47 17.76 -13.37
C TRP B 442 -10.72 16.30 -13.75
N MET B 443 -11.55 16.09 -14.76
CA MET B 443 -11.84 14.74 -15.21
C MET B 443 -10.68 14.16 -15.99
N GLY B 444 -9.76 15.03 -16.41
CA GLY B 444 -8.56 14.59 -17.13
C GLY B 444 -8.84 14.00 -18.50
N VAL B 445 -8.36 12.78 -18.73
CA VAL B 445 -8.64 12.05 -19.97
C VAL B 445 -9.67 10.96 -19.66
N PRO B 446 -10.96 11.27 -19.85
CA PRO B 446 -12.01 10.36 -19.36
C PRO B 446 -12.16 9.06 -20.17
N HIS B 447 -12.83 8.10 -19.55
CA HIS B 447 -13.24 6.86 -20.20
C HIS B 447 -13.83 7.18 -21.58
N GLY B 448 -13.25 6.61 -22.64
CA GLY B 448 -13.84 6.74 -23.97
C GLY B 448 -13.27 7.81 -24.89
N TYR B 449 -12.35 8.63 -24.42
CA TYR B 449 -11.89 9.74 -25.25
C TYR B 449 -10.61 9.50 -26.06
N GLU B 450 -10.13 8.27 -26.06
CA GLU B 450 -9.15 7.85 -27.04
C GLU B 450 -9.81 7.46 -28.38
N ILE B 451 -11.10 7.09 -28.34
CA ILE B 451 -11.79 6.59 -29.53
C ILE B 451 -11.75 7.53 -30.73
N GLU B 452 -12.07 8.80 -30.52
CA GLU B 452 -12.06 9.80 -31.60
C GLU B 452 -10.70 9.89 -32.31
N PHE B 453 -9.63 9.57 -31.58
CA PHE B 453 -8.28 9.56 -32.15
C PHE B 453 -7.98 8.31 -32.97
N ILE B 454 -8.28 7.14 -32.41
CA ILE B 454 -8.18 5.88 -33.15
C ILE B 454 -8.93 5.93 -34.49
N PHE B 455 -10.11 6.55 -34.51
CA PHE B 455 -10.95 6.52 -35.72
C PHE B 455 -10.59 7.58 -36.75
N GLY B 456 -9.71 8.50 -36.37
CA GLY B 456 -9.17 9.44 -37.34
C GLY B 456 -9.83 10.79 -37.42
N LEU B 457 -10.80 11.04 -36.53
CA LEU B 457 -11.58 12.30 -36.56
C LEU B 457 -10.81 13.64 -36.68
N PRO B 458 -9.65 13.76 -36.00
CA PRO B 458 -8.85 14.98 -36.19
C PRO B 458 -8.52 15.31 -37.64
N LEU B 459 -8.56 14.31 -38.51
CA LEU B 459 -8.23 14.54 -39.93
C LEU B 459 -9.31 15.36 -40.64
N ASP B 460 -10.48 15.46 -40.03
CA ASP B 460 -11.52 16.35 -40.52
C ASP B 460 -11.23 17.77 -40.06
N PRO B 461 -10.89 18.65 -41.01
CA PRO B 461 -10.47 20.02 -40.71
C PRO B 461 -11.53 20.81 -39.92
N SER B 462 -12.79 20.55 -40.20
CA SER B 462 -13.89 21.32 -39.64
C SER B 462 -14.20 20.98 -38.19
N LEU B 463 -13.44 20.05 -37.61
CA LEU B 463 -13.61 19.71 -36.21
C LEU B 463 -12.69 20.55 -35.34
N ASN B 464 -11.78 21.28 -35.98
CA ASN B 464 -10.90 22.23 -35.31
C ASN B 464 -9.91 21.63 -34.29
N TYR B 465 -9.51 20.38 -34.49
CA TYR B 465 -8.41 19.79 -33.74
C TYR B 465 -7.12 20.46 -34.18
N THR B 466 -6.11 20.45 -33.31
CA THR B 466 -4.82 21.05 -33.62
C THR B 466 -4.00 20.15 -34.57
N THR B 467 -3.11 20.78 -35.32
CA THR B 467 -2.20 20.07 -36.21
C THR B 467 -1.47 18.91 -35.53
N GLU B 468 -1.01 19.14 -34.31
CA GLU B 468 -0.33 18.11 -33.55
C GLU B 468 -1.28 16.95 -33.26
N GLU B 469 -2.52 17.27 -32.95
CA GLU B 469 -3.54 16.25 -32.68
C GLU B 469 -3.83 15.42 -33.93
N ARG B 470 -3.75 16.07 -35.08
CA ARG B 470 -3.96 15.41 -36.37
C ARG B 470 -2.80 14.45 -36.64
N ILE B 471 -1.57 14.93 -36.50
CA ILE B 471 -0.37 14.11 -36.63
C ILE B 471 -0.42 12.91 -35.69
N PHE B 472 -0.93 13.14 -34.48
CA PHE B 472 -1.10 12.11 -33.46
C PHE B 472 -2.13 11.06 -33.88
N ALA B 473 -3.27 11.50 -34.41
CA ALA B 473 -4.32 10.55 -34.83
C ALA B 473 -3.79 9.63 -35.93
N GLN B 474 -3.04 10.18 -36.86
CA GLN B 474 -2.40 9.36 -37.89
C GLN B 474 -1.47 8.31 -37.27
N ARG B 475 -0.75 8.66 -36.23
CA ARG B 475 0.13 7.70 -35.57
C ARG B 475 -0.67 6.52 -35.03
N LEU B 476 -1.81 6.81 -34.41
CA LEU B 476 -2.61 5.76 -33.78
C LEU B 476 -3.29 4.83 -34.80
N MET B 477 -3.82 5.41 -35.87
CA MET B 477 -4.44 4.63 -36.93
C MET B 477 -3.40 3.68 -37.50
N LYS B 478 -2.16 4.14 -37.57
CA LYS B 478 -1.04 3.32 -38.00
C LYS B 478 -0.80 2.13 -37.08
N TYR B 479 -0.76 2.37 -35.77
CA TYR B 479 -0.50 1.31 -34.80
C TYR B 479 -1.60 0.27 -34.89
N TRP B 480 -2.84 0.73 -34.81
CA TRP B 480 -4.01 -0.16 -34.86
C TRP B 480 -4.02 -0.98 -36.14
N THR B 481 -3.87 -0.31 -37.30
CA THR B 481 -3.93 -1.02 -38.56
C THR B 481 -2.70 -1.90 -38.80
N ASN B 482 -1.55 -1.50 -38.25
CA ASN B 482 -0.36 -2.34 -38.38
C ASN B 482 -0.59 -3.57 -37.54
N PHE B 483 -1.24 -3.36 -36.41
CA PHE B 483 -1.57 -4.48 -35.55
C PHE B 483 -2.57 -5.41 -36.26
N ALA B 484 -3.49 -4.82 -37.02
CA ALA B 484 -4.50 -5.61 -37.74
C ALA B 484 -3.83 -6.43 -38.83
N ARG B 485 -2.86 -5.81 -39.51
CA ARG B 485 -2.11 -6.47 -40.58
C ARG B 485 -1.24 -7.61 -40.11
N THR B 486 -0.68 -7.48 -38.90
CA THR B 486 0.45 -8.32 -38.53
C THR B 486 0.38 -8.86 -37.11
N GLY B 487 -0.46 -8.29 -36.27
CA GLY B 487 -0.44 -8.63 -34.85
C GLY B 487 0.66 -7.91 -34.09
N ASP B 488 1.24 -6.90 -34.73
CA ASP B 488 2.31 -6.10 -34.18
C ASP B 488 2.08 -4.65 -34.62
N PRO B 489 1.87 -3.73 -33.65
CA PRO B 489 1.56 -2.33 -33.94
C PRO B 489 2.78 -1.54 -34.42
N ASN B 490 3.93 -2.21 -34.47
CA ASN B 490 5.13 -1.58 -34.98
C ASN B 490 5.21 -1.54 -36.50
N ASP B 491 5.47 -0.35 -37.04
CA ASP B 491 5.84 -0.18 -38.44
C ASP B 491 6.91 -1.21 -38.83
N PRO B 492 6.71 -1.89 -39.96
CA PRO B 492 7.52 -3.06 -40.32
C PRO B 492 8.88 -2.71 -40.93
N ARG B 493 8.98 -1.56 -41.60
CA ARG B 493 10.24 -1.19 -42.25
C ARG B 493 10.78 0.15 -41.73
N ASP B 494 9.99 0.75 -40.95
CA ASP B 494 10.41 1.98 -40.30
C ASP B 494 11.37 1.75 -39.13
N SER B 495 12.56 2.32 -39.24
CA SER B 495 13.46 2.47 -38.10
C SER B 495 13.28 3.91 -37.62
N LYS B 496 13.78 4.20 -36.43
CA LYS B 496 13.42 5.42 -35.69
C LYS B 496 11.92 5.40 -35.35
N SER B 497 11.50 6.29 -34.46
CA SER B 497 10.26 6.14 -33.71
C SER B 497 10.40 4.89 -32.84
N PRO B 498 10.65 5.07 -31.53
CA PRO B 498 11.02 4.00 -30.59
C PRO B 498 10.04 2.83 -30.59
N GLN B 499 10.55 1.60 -30.48
CA GLN B 499 9.73 0.40 -30.65
C GLN B 499 8.79 0.11 -29.49
N TRP B 500 7.62 -0.44 -29.83
CA TRP B 500 6.61 -0.82 -28.85
C TRP B 500 6.80 -2.29 -28.50
N PRO B 501 7.27 -2.57 -27.27
CA PRO B 501 7.61 -3.95 -26.94
C PRO B 501 6.39 -4.72 -26.43
N PRO B 502 6.41 -6.06 -26.55
CA PRO B 502 5.33 -6.90 -26.03
C PRO B 502 5.24 -6.80 -24.51
N TYR B 503 4.01 -6.75 -23.99
CA TYR B 503 3.82 -6.84 -22.55
C TYR B 503 4.10 -8.28 -22.14
N THR B 504 4.91 -8.45 -21.09
CA THR B 504 5.25 -9.77 -20.58
C THR B 504 5.08 -9.77 -19.07
N THR B 505 5.00 -10.94 -18.48
CA THR B 505 4.88 -11.03 -17.03
C THR B 505 6.18 -10.63 -16.36
N ALA B 506 7.31 -10.96 -16.98
CA ALA B 506 8.62 -10.64 -16.41
C ALA B 506 8.90 -9.14 -16.35
N ALA B 507 8.74 -8.46 -17.48
CA ALA B 507 9.11 -7.05 -17.59
C ALA B 507 7.94 -6.06 -17.55
N GLN B 508 6.74 -6.54 -17.81
CA GLN B 508 5.51 -5.74 -17.65
C GLN B 508 5.58 -4.40 -18.37
N GLN B 509 6.20 -4.42 -19.54
CA GLN B 509 6.38 -3.21 -20.35
C GLN B 509 5.11 -2.77 -21.06
N TYR B 510 4.83 -1.47 -20.98
CA TYR B 510 3.71 -0.89 -21.72
C TYR B 510 4.13 0.48 -22.21
N VAL B 511 3.38 1.09 -23.12
CA VAL B 511 3.79 2.39 -23.62
C VAL B 511 2.75 3.49 -23.40
N SER B 512 3.20 4.74 -23.37
CA SER B 512 2.27 5.84 -23.24
C SER B 512 1.93 6.45 -24.62
N LEU B 513 0.65 6.47 -24.95
CA LEU B 513 0.20 7.14 -26.17
C LEU B 513 -0.14 8.59 -25.84
N ASN B 514 0.62 9.51 -26.41
CA ASN B 514 0.36 10.93 -26.23
C ASN B 514 1.13 11.67 -27.31
N LEU B 515 1.26 12.99 -27.18
CA LEU B 515 1.81 13.79 -28.27
C LEU B 515 3.32 13.60 -28.43
N LYS B 516 3.96 13.14 -27.38
CA LYS B 516 5.40 12.90 -27.42
C LYS B 516 5.67 11.53 -28.02
N PRO B 517 6.90 11.27 -28.50
CA PRO B 517 7.26 9.95 -29.01
C PRO B 517 6.95 8.85 -28.02
N LEU B 518 6.66 7.64 -28.51
CA LEU B 518 6.42 6.50 -27.64
C LEU B 518 7.43 6.41 -26.52
N GLU B 519 6.94 6.21 -25.31
CA GLU B 519 7.81 6.03 -24.16
C GLU B 519 7.43 4.72 -23.48
N VAL B 520 8.43 3.89 -23.21
CA VAL B 520 8.23 2.59 -22.58
C VAL B 520 8.26 2.67 -21.04
N ARG B 521 7.20 2.18 -20.40
CA ARG B 521 7.17 2.12 -18.94
C ARG B 521 6.99 0.69 -18.43
N ARG B 522 7.40 0.43 -17.19
CA ARG B 522 7.25 -0.92 -16.64
C ARG B 522 6.23 -0.95 -15.49
N GLY B 523 5.38 -1.97 -15.50
CA GLY B 523 4.41 -2.19 -14.44
C GLY B 523 3.20 -1.28 -14.55
N LEU B 524 2.04 -1.89 -14.76
CA LEU B 524 0.81 -1.13 -14.92
C LEU B 524 0.08 -1.05 -13.59
N ARG B 525 0.29 0.05 -12.85
CA ARG B 525 -0.19 0.19 -11.47
C ARG B 525 0.06 -1.10 -10.67
N ALA B 526 1.30 -1.57 -10.67
CA ALA B 526 1.60 -2.91 -10.18
C ALA B 526 1.26 -3.09 -8.70
N GLN B 527 1.66 -2.14 -7.85
CA GLN B 527 1.40 -2.26 -6.41
C GLN B 527 -0.09 -2.17 -6.13
N THR B 528 -0.74 -1.16 -6.70
CA THR B 528 -2.18 -0.98 -6.51
C THR B 528 -2.99 -2.16 -7.07
N CYS B 529 -2.59 -2.70 -8.21
CA CYS B 529 -3.39 -3.79 -8.78
C CYS B 529 -3.18 -5.07 -7.99
N ALA B 530 -1.96 -5.27 -7.47
CA ALA B 530 -1.74 -6.37 -6.53
C ALA B 530 -2.74 -6.32 -5.38
N PHE B 531 -3.05 -5.10 -4.91
CA PHE B 531 -4.07 -4.90 -3.88
C PHE B 531 -5.47 -5.33 -4.32
N TRP B 532 -5.85 -4.97 -5.55
CA TRP B 532 -7.16 -5.34 -6.02
C TRP B 532 -7.20 -6.77 -6.48
N ASN B 533 -6.15 -7.19 -7.17
CA ASN B 533 -6.21 -8.48 -7.86
C ASN B 533 -5.83 -9.64 -6.98
N ARG B 534 -5.02 -9.38 -5.97
CA ARG B 534 -4.47 -10.45 -5.14
C ARG B 534 -4.95 -10.40 -3.69
N PHE B 535 -5.02 -9.21 -3.10
CA PHE B 535 -5.38 -9.12 -1.69
C PHE B 535 -6.87 -9.06 -1.45
N LEU B 536 -7.54 -8.07 -2.02
CA LEU B 536 -8.98 -7.92 -1.79
C LEU B 536 -9.83 -9.20 -1.93
N PRO B 537 -9.59 -10.03 -2.97
CA PRO B 537 -10.39 -11.27 -3.06
C PRO B 537 -10.24 -12.16 -1.83
N LYS B 538 -9.05 -12.17 -1.22
CA LYS B 538 -8.86 -12.96 0.00
C LYS B 538 -9.69 -12.34 1.11
N LEU B 539 -9.87 -11.02 1.04
CA LEU B 539 -10.54 -10.31 2.11
C LEU B 539 -12.05 -10.49 2.06
N LEU B 540 -12.67 -10.06 0.97
CA LEU B 540 -14.10 -10.29 0.77
C LEU B 540 -14.50 -11.75 1.01
N SER B 541 -13.60 -12.68 0.67
CA SER B 541 -13.85 -14.10 0.91
C SER B 541 -13.68 -14.49 2.38
N ALA B 542 -13.29 -13.53 3.21
CA ALA B 542 -13.32 -13.70 4.66
C ALA B 542 -14.49 -12.90 5.23
N THR B 543 -15.70 -13.20 4.74
CA THR B 543 -16.92 -12.53 5.16
C THR B 543 -17.95 -13.52 5.69
#